data_6M63
#
_entry.id   6M63
#
_cell.length_a   87.836
_cell.length_b   94.688
_cell.length_c   109.985
_cell.angle_alpha   90.000
_cell.angle_beta   90.000
_cell.angle_gamma   90.000
#
_symmetry.space_group_name_H-M   'P 21 21 21'
#
loop_
_entity.id
_entity.type
_entity.pdbx_description
1 polymer 'Chimera of Cyclic nucleotide-gated potassium channel mll3241 and Yellow fluorescent protein'
2 non-polymer "ADENOSINE-3',5'-CYCLIC-MONOPHOSPHATE"
3 water water
#
_entity_poly.entity_id   1
_entity_poly.type   'polypeptide(L)'
_entity_poly.pdbx_seq_one_letter_code
;MGFYQEVRRGDFVRNWQLVAAVPLFQKLGPAVLVEIVRALRARTVPAGAVICRIGEPGDRMFFVVEGSVSVATNWGNVYI
TADKQKNGIKANFKIRHNVEGGGVQLAYHYQQNTPIGDGPVLLPDNHYLSVQSKLSKDPNEKRDHMVLLEFVTAAGITLG
MDELYKGGTGGSMVSKGEELFTGVVPILVELDGDVNGHKFSVRGEGEGDATNGKLTLKFICTTGKLPVPWPTLVTTL
(CRO)VQCFARYPDHMKQHDFFKSAMPEGYIQERTIVFKDDGTYKTRAEVKFEGDTLVNRIELKGIDFKEDGNILGHKLE
YNRVNPVELGPGAFFGEMALISGEPRVATVSAATTVSLLSLHSADFQMLCSSSPEIAEIFRKTALERRGAAASA
;
_entity_poly.pdbx_strand_id   A,B
#
loop_
_chem_comp.id
_chem_comp.type
_chem_comp.name
_chem_comp.formula
CMP non-polymer ADENOSINE-3',5'-CYCLIC-MONOPHOSPHATE 'C10 H12 N5 O6 P'
#
# COMPACT_ATOMS: atom_id res chain seq x y z
N GLY A 10 -12.01 5.44 -46.72
CA GLY A 10 -11.49 6.32 -45.69
C GLY A 10 -10.39 5.67 -44.86
N ASP A 11 -10.80 4.88 -43.86
CA ASP A 11 -9.85 4.02 -43.18
C ASP A 11 -9.42 2.86 -44.08
N PHE A 12 -10.30 2.47 -45.01
CA PHE A 12 -10.02 1.30 -45.85
C PHE A 12 -8.92 1.59 -46.86
N VAL A 13 -8.99 2.73 -47.54
CA VAL A 13 -7.92 3.09 -48.47
C VAL A 13 -6.58 3.13 -47.74
N ARG A 14 -6.58 3.62 -46.50
CA ARG A 14 -5.37 3.64 -45.70
C ARG A 14 -4.88 2.22 -45.41
N ASN A 15 -5.71 1.41 -44.75
CA ASN A 15 -5.30 0.05 -44.40
C ASN A 15 -4.94 -0.76 -45.64
N TRP A 16 -5.60 -0.50 -46.77
CA TRP A 16 -5.24 -1.19 -48.00
C TRP A 16 -3.83 -0.82 -48.43
N GLN A 17 -3.49 0.47 -48.33
CA GLN A 17 -2.12 0.89 -48.62
C GLN A 17 -1.14 0.28 -47.63
N LEU A 18 -1.47 0.34 -46.34
CA LEU A 18 -0.54 -0.13 -45.31
C LEU A 18 -0.31 -1.63 -45.41
N VAL A 19 -1.35 -2.41 -45.73
CA VAL A 19 -1.22 -3.87 -45.77
C VAL A 19 -0.24 -4.35 -46.84
N ALA A 20 0.14 -3.48 -47.77
CA ALA A 20 1.19 -3.84 -48.73
C ALA A 20 2.51 -4.09 -48.02
N ALA A 21 2.75 -3.44 -46.87
CA ALA A 21 4.01 -3.66 -46.16
C ALA A 21 4.07 -5.00 -45.45
N VAL A 22 3.04 -5.83 -45.54
CA VAL A 22 3.03 -7.12 -44.84
C VAL A 22 3.11 -8.23 -45.88
N PRO A 23 4.31 -8.76 -46.16
CA PRO A 23 4.42 -9.76 -47.23
C PRO A 23 3.71 -11.08 -46.94
N LEU A 24 3.34 -11.34 -45.69
CA LEU A 24 2.59 -12.54 -45.39
C LEU A 24 1.25 -12.56 -46.12
N PHE A 25 0.65 -11.38 -46.33
CA PHE A 25 -0.67 -11.26 -46.94
C PHE A 25 -0.64 -11.36 -48.46
N GLN A 26 0.53 -11.30 -49.09
CA GLN A 26 0.57 -11.53 -50.53
C GLN A 26 0.22 -12.96 -50.89
N LYS A 27 0.15 -13.84 -49.88
CA LYS A 27 -0.41 -15.18 -49.98
C LYS A 27 -1.94 -15.13 -50.03
N LEU A 28 -2.53 -14.23 -50.81
CA LEU A 28 -3.97 -14.03 -50.69
C LEU A 28 -4.53 -13.33 -51.92
N GLY A 29 -5.70 -13.80 -52.39
CA GLY A 29 -6.39 -13.21 -53.52
C GLY A 29 -7.05 -11.89 -53.19
N PRO A 30 -7.31 -11.07 -54.22
CA PRO A 30 -7.72 -9.68 -53.95
C PRO A 30 -9.10 -9.55 -53.31
N ALA A 31 -10.08 -10.34 -53.74
CA ALA A 31 -11.38 -10.28 -53.09
C ALA A 31 -11.27 -10.59 -51.61
N VAL A 32 -10.55 -11.65 -51.27
CA VAL A 32 -10.36 -12.02 -49.87
C VAL A 32 -9.55 -10.97 -49.12
N LEU A 33 -8.49 -10.47 -49.76
CA LEU A 33 -7.67 -9.44 -49.13
C LEU A 33 -8.48 -8.20 -48.80
N VAL A 34 -9.49 -7.88 -49.61
CA VAL A 34 -10.36 -6.75 -49.29
C VAL A 34 -11.10 -7.03 -47.99
N GLU A 35 -11.54 -8.27 -47.80
CA GLU A 35 -12.30 -8.63 -46.61
C GLU A 35 -11.41 -8.60 -45.37
N ILE A 36 -10.16 -9.04 -45.51
CA ILE A 36 -9.21 -8.97 -44.40
C ILE A 36 -8.93 -7.52 -44.04
N VAL A 37 -8.69 -6.68 -45.04
CA VAL A 37 -8.35 -5.29 -44.78
C VAL A 37 -9.51 -4.57 -44.12
N ARG A 38 -10.75 -4.96 -44.43
CA ARG A 38 -11.91 -4.38 -43.75
C ARG A 38 -11.96 -4.76 -42.27
N ALA A 39 -11.34 -5.87 -41.88
CA ALA A 39 -11.30 -6.27 -40.49
C ALA A 39 -10.10 -5.71 -39.73
N LEU A 40 -9.05 -5.25 -40.41
CA LEU A 40 -7.87 -4.72 -39.74
C LEU A 40 -8.15 -3.33 -39.18
N ARG A 41 -7.54 -3.03 -38.03
CA ARG A 41 -7.59 -1.70 -37.44
C ARG A 41 -6.19 -1.14 -37.30
N ALA A 42 -5.97 0.05 -37.85
CA ALA A 42 -4.66 0.70 -37.84
C ALA A 42 -4.45 1.48 -36.55
N ARG A 43 -3.21 1.53 -36.10
CA ARG A 43 -2.84 2.21 -34.87
C ARG A 43 -1.43 2.78 -35.01
N THR A 44 -1.29 4.03 -34.61
CA THR A 44 0.01 4.66 -34.41
C THR A 44 0.36 4.59 -32.93
N VAL A 45 1.54 4.06 -32.62
CA VAL A 45 1.96 3.82 -31.25
C VAL A 45 3.20 4.68 -30.97
N PRO A 46 3.19 5.53 -29.95
CA PRO A 46 4.39 6.32 -29.64
C PRO A 46 5.53 5.44 -29.19
N ALA A 47 6.74 5.86 -29.55
CA ALA A 47 7.96 5.21 -29.09
C ALA A 47 7.93 5.00 -27.58
N GLY A 48 8.16 3.75 -27.16
CA GLY A 48 8.27 3.44 -25.75
C GLY A 48 7.01 2.88 -25.12
N ALA A 49 5.87 2.98 -25.79
CA ALA A 49 4.60 2.61 -25.19
C ALA A 49 4.38 1.11 -25.19
N VAL A 50 3.76 0.61 -24.12
CA VAL A 50 3.42 -0.80 -24.02
C VAL A 50 2.23 -1.08 -24.92
N ILE A 51 2.32 -2.16 -25.69
CA ILE A 51 1.27 -2.57 -26.60
C ILE A 51 0.48 -3.75 -26.03
N CYS A 52 1.21 -4.71 -25.49
CA CYS A 52 0.64 -5.91 -24.86
C CYS A 52 1.39 -6.18 -23.55
N ARG A 53 0.65 -6.36 -22.45
CA ARG A 53 1.23 -6.61 -21.16
C ARG A 53 1.10 -8.10 -20.80
N ILE A 54 2.18 -8.66 -20.25
CA ILE A 54 2.17 -10.04 -19.84
C ILE A 54 1.00 -10.29 -18.89
N GLY A 55 0.39 -11.48 -18.99
CA GLY A 55 -0.73 -11.83 -18.13
C GLY A 55 -2.07 -11.28 -18.56
N GLU A 56 -2.12 -10.30 -19.45
CA GLU A 56 -3.38 -9.77 -19.91
C GLU A 56 -4.09 -10.76 -20.83
N PRO A 57 -5.42 -10.71 -20.88
CA PRO A 57 -6.13 -11.51 -21.87
C PRO A 57 -5.88 -10.97 -23.27
N GLY A 58 -5.97 -11.86 -24.25
CA GLY A 58 -5.61 -11.51 -25.62
C GLY A 58 -6.71 -11.69 -26.64
N ASP A 59 -7.25 -10.58 -27.15
CA ASP A 59 -8.37 -10.61 -28.09
C ASP A 59 -7.97 -10.22 -29.50
N ARG A 60 -6.70 -9.93 -29.73
CA ARG A 60 -6.25 -9.52 -31.07
C ARG A 60 -4.77 -9.78 -31.20
N MET A 61 -4.32 -9.76 -32.45
CA MET A 61 -2.90 -9.84 -32.77
C MET A 61 -2.55 -8.68 -33.68
N PHE A 62 -1.26 -8.53 -33.96
CA PHE A 62 -0.74 -7.29 -34.52
C PHE A 62 0.28 -7.58 -35.60
N PHE A 63 0.20 -6.81 -36.68
CA PHE A 63 1.18 -6.82 -37.75
C PHE A 63 1.91 -5.48 -37.77
N VAL A 64 3.23 -5.53 -37.77
CA VAL A 64 4.05 -4.31 -37.77
C VAL A 64 4.17 -3.78 -39.20
N VAL A 65 3.78 -2.53 -39.41
CA VAL A 65 3.87 -1.93 -40.73
C VAL A 65 5.03 -0.96 -40.83
N GLU A 66 5.31 -0.22 -39.75
CA GLU A 66 6.47 0.66 -39.67
C GLU A 66 7.06 0.61 -38.28
N GLY A 67 8.38 0.77 -38.20
CA GLY A 67 9.05 0.78 -36.91
C GLY A 67 9.30 -0.63 -36.42
N SER A 68 9.75 -0.71 -35.18
CA SER A 68 10.01 -2.01 -34.57
C SER A 68 9.47 -2.03 -33.15
N VAL A 69 9.15 -3.25 -32.68
CA VAL A 69 8.72 -3.46 -31.30
C VAL A 69 9.73 -4.36 -30.62
N SER A 70 9.76 -4.25 -29.29
CA SER A 70 10.61 -5.06 -28.44
C SER A 70 9.72 -6.00 -27.64
N VAL A 71 10.11 -7.27 -27.57
CA VAL A 71 9.48 -8.26 -26.72
C VAL A 71 10.33 -8.41 -25.47
N ALA A 72 9.71 -8.31 -24.31
CA ALA A 72 10.36 -8.55 -23.04
C ALA A 72 9.75 -9.80 -22.40
N THR A 73 10.55 -10.86 -22.25
CA THR A 73 10.06 -12.15 -21.77
C THR A 73 10.21 -12.29 -20.25
N ASN A 74 9.46 -13.25 -19.70
CA ASN A 74 9.33 -13.37 -18.25
C ASN A 74 10.61 -13.86 -17.59
N TRP A 75 11.07 -13.14 -16.58
CA TRP A 75 12.22 -13.58 -15.80
C TRP A 75 11.82 -14.19 -14.47
N GLY A 76 10.60 -13.95 -14.03
CA GLY A 76 10.08 -14.56 -12.82
C GLY A 76 9.61 -13.50 -11.85
N ASN A 77 9.31 -13.96 -10.63
CA ASN A 77 8.79 -13.14 -9.56
C ASN A 77 9.79 -13.02 -8.43
N VAL A 78 9.84 -11.82 -7.84
CA VAL A 78 10.65 -11.50 -6.67
C VAL A 78 9.72 -11.47 -5.48
N TYR A 79 9.89 -12.38 -4.51
CA TYR A 79 9.00 -12.47 -3.34
C TYR A 79 9.58 -11.69 -2.16
N ILE A 80 8.81 -10.74 -1.65
CA ILE A 80 9.27 -9.75 -0.69
C ILE A 80 8.50 -9.93 0.61
N THR A 81 9.20 -9.86 1.72
CA THR A 81 8.57 -9.87 3.03
C THR A 81 9.20 -8.80 3.90
N ALA A 82 8.41 -8.27 4.84
CA ALA A 82 8.93 -7.28 5.76
C ALA A 82 9.92 -7.91 6.72
N ASP A 83 10.91 -7.13 7.11
CA ASP A 83 11.82 -7.45 8.20
C ASP A 83 11.69 -6.32 9.22
N LYS A 84 10.56 -6.34 9.96
CA LYS A 84 10.19 -5.20 10.81
C LYS A 84 11.21 -4.98 11.92
N GLN A 85 11.87 -6.05 12.37
CA GLN A 85 12.82 -5.88 13.46
C GLN A 85 14.11 -5.22 12.98
N LYS A 86 14.49 -5.43 11.72
CA LYS A 86 15.63 -4.75 11.12
C LYS A 86 15.21 -3.53 10.31
N ASN A 87 13.93 -3.14 10.40
CA ASN A 87 13.40 -1.97 9.69
C ASN A 87 13.62 -2.05 8.18
N GLY A 88 13.57 -3.26 7.63
CA GLY A 88 13.81 -3.38 6.20
C GLY A 88 12.93 -4.40 5.52
N ILE A 89 13.45 -5.05 4.48
CA ILE A 89 12.73 -6.11 3.78
C ILE A 89 13.69 -7.23 3.47
N LYS A 90 13.12 -8.36 3.11
CA LYS A 90 13.83 -9.53 2.63
C LYS A 90 13.17 -9.99 1.34
N ALA A 91 13.94 -10.58 0.46
CA ALA A 91 13.36 -11.13 -0.75
C ALA A 91 14.11 -12.39 -1.13
N ASN A 92 13.38 -13.32 -1.75
CA ASN A 92 13.99 -14.54 -2.27
C ASN A 92 13.29 -14.89 -3.59
N PHE A 93 14.06 -15.48 -4.50
CA PHE A 93 13.55 -15.83 -5.83
C PHE A 93 14.60 -16.67 -6.55
N LYS A 94 14.16 -17.29 -7.64
CA LYS A 94 14.99 -18.12 -8.50
C LYS A 94 15.06 -17.51 -9.89
N ILE A 95 16.26 -17.46 -10.47
CA ILE A 95 16.43 -17.05 -11.85
C ILE A 95 16.84 -18.27 -12.66
N ARG A 96 16.27 -18.43 -13.85
CA ARG A 96 16.58 -19.56 -14.74
C ARG A 96 17.33 -19.01 -15.95
N HIS A 97 18.64 -19.24 -15.98
CA HIS A 97 19.47 -18.86 -17.12
C HIS A 97 19.55 -20.01 -18.12
N ASN A 98 19.21 -19.74 -19.38
CA ASN A 98 19.31 -20.78 -20.40
C ASN A 98 20.77 -21.10 -20.68
N VAL A 99 21.10 -22.40 -20.68
CA VAL A 99 22.41 -22.88 -21.13
C VAL A 99 22.38 -23.08 -22.64
N GLU A 100 23.49 -22.74 -23.30
CA GLU A 100 23.44 -22.57 -24.74
C GLU A 100 23.09 -23.85 -25.46
N GLY A 101 23.63 -24.98 -25.03
CA GLY A 101 23.24 -26.24 -25.65
C GLY A 101 21.90 -26.82 -25.20
N GLY A 102 21.07 -25.99 -24.59
CA GLY A 102 19.87 -26.51 -23.94
C GLY A 102 20.10 -26.78 -22.47
N GLY A 103 19.01 -26.79 -21.71
CA GLY A 103 19.11 -26.90 -20.28
C GLY A 103 19.09 -25.53 -19.61
N VAL A 104 19.12 -25.57 -18.28
CA VAL A 104 18.90 -24.38 -17.45
C VAL A 104 19.95 -24.34 -16.35
N GLN A 105 20.42 -23.15 -16.03
CA GLN A 105 21.32 -22.91 -14.90
C GLN A 105 20.55 -22.08 -13.89
N LEU A 106 20.23 -22.66 -12.73
CA LEU A 106 19.49 -21.95 -11.70
C LEU A 106 20.41 -21.09 -10.84
N ALA A 107 19.94 -19.90 -10.52
CA ALA A 107 20.59 -18.96 -9.61
C ALA A 107 19.58 -18.61 -8.53
N TYR A 108 19.81 -19.13 -7.32
CA TYR A 108 18.94 -18.87 -6.17
C TYR A 108 19.34 -17.56 -5.49
N HIS A 109 18.39 -16.64 -5.36
CA HIS A 109 18.67 -15.29 -4.85
C HIS A 109 18.14 -15.13 -3.43
N TYR A 110 19.01 -14.66 -2.54
CA TYR A 110 18.65 -14.33 -1.17
C TYR A 110 18.99 -12.87 -0.96
N GLN A 111 18.01 -12.06 -0.57
CA GLN A 111 18.15 -10.61 -0.58
C GLN A 111 17.65 -9.99 0.71
N GLN A 112 18.37 -8.95 1.18
CA GLN A 112 17.92 -8.10 2.26
C GLN A 112 18.21 -6.64 1.93
N ASN A 113 17.31 -5.75 2.36
CA ASN A 113 17.44 -4.32 2.15
C ASN A 113 17.21 -3.59 3.49
N THR A 114 18.05 -2.60 3.76
CA THR A 114 18.04 -1.82 5.00
C THR A 114 18.14 -0.34 4.62
N PRO A 115 17.29 0.54 5.14
CA PRO A 115 17.39 1.95 4.75
C PRO A 115 18.68 2.56 5.27
N ILE A 116 19.20 3.50 4.47
CA ILE A 116 20.37 4.25 4.91
C ILE A 116 19.99 5.32 5.93
N GLY A 117 18.86 5.98 5.73
CA GLY A 117 18.43 7.04 6.64
C GLY A 117 17.82 6.50 7.93
N ASP A 118 17.60 7.43 8.86
CA ASP A 118 17.06 7.09 10.17
C ASP A 118 15.54 7.14 10.21
N GLY A 119 14.90 7.81 9.26
CA GLY A 119 13.46 7.98 9.27
C GLY A 119 12.70 6.68 9.04
N PRO A 120 11.42 6.67 9.38
CA PRO A 120 10.60 5.48 9.12
C PRO A 120 10.39 5.25 7.62
N VAL A 121 10.24 3.98 7.26
CA VAL A 121 10.01 3.59 5.88
C VAL A 121 8.73 2.79 5.83
N LEU A 122 8.27 2.52 4.62
CA LEU A 122 7.13 1.63 4.47
C LEU A 122 7.61 0.19 4.62
N LEU A 123 6.94 -0.56 5.49
CA LEU A 123 7.24 -1.97 5.73
C LEU A 123 6.08 -2.80 5.18
N PRO A 124 6.28 -3.52 4.07
CA PRO A 124 5.15 -4.00 3.29
C PRO A 124 4.58 -5.32 3.82
N ASP A 125 3.33 -5.57 3.45
CA ASP A 125 2.79 -6.91 3.49
C ASP A 125 3.47 -7.77 2.43
N ASN A 126 3.39 -9.09 2.59
CA ASN A 126 4.00 -9.99 1.62
C ASN A 126 3.45 -9.72 0.23
N HIS A 127 4.35 -9.62 -0.74
CA HIS A 127 3.96 -9.38 -2.13
C HIS A 127 5.14 -9.74 -3.01
N TYR A 128 4.97 -9.55 -4.32
CA TYR A 128 6.05 -9.87 -5.23
C TYR A 128 6.13 -8.87 -6.36
N LEU A 129 7.29 -8.87 -7.02
CA LEU A 129 7.54 -8.07 -8.21
C LEU A 129 7.68 -9.00 -9.41
N SER A 130 6.87 -8.75 -10.44
CA SER A 130 6.95 -9.45 -11.71
C SER A 130 7.95 -8.72 -12.62
N VAL A 131 8.90 -9.47 -13.20
CA VAL A 131 9.95 -8.89 -14.05
C VAL A 131 9.93 -9.53 -15.43
N GLN A 132 9.97 -8.69 -16.47
CA GLN A 132 10.24 -9.12 -17.84
C GLN A 132 11.40 -8.32 -18.37
N SER A 133 12.20 -8.94 -19.25
CA SER A 133 13.48 -8.40 -19.66
C SER A 133 13.71 -8.66 -21.14
N LYS A 134 14.46 -7.77 -21.79
CA LYS A 134 15.03 -8.02 -23.11
C LYS A 134 16.50 -7.62 -23.12
N LEU A 135 17.37 -8.54 -23.49
CA LEU A 135 18.80 -8.30 -23.53
C LEU A 135 19.24 -8.19 -24.99
N SER A 136 20.07 -7.20 -25.29
CA SER A 136 20.46 -7.01 -26.69
C SER A 136 21.83 -6.34 -26.75
N LYS A 137 22.29 -6.16 -27.98
CA LYS A 137 23.58 -5.60 -28.28
C LYS A 137 23.39 -4.35 -29.11
N ASP A 138 24.31 -3.40 -28.92
CA ASP A 138 24.39 -2.18 -29.73
C ASP A 138 25.34 -2.45 -30.89
N PRO A 139 24.87 -2.53 -32.13
CA PRO A 139 25.74 -2.92 -33.25
C PRO A 139 26.89 -1.96 -33.51
N ASN A 140 26.91 -0.79 -32.89
CA ASN A 140 28.03 0.13 -33.04
C ASN A 140 28.95 0.15 -31.81
N GLU A 141 28.79 -0.79 -30.88
CA GLU A 141 29.57 -0.81 -29.65
C GLU A 141 30.66 -1.88 -29.75
N LYS A 142 31.93 -1.46 -29.69
CA LYS A 142 33.03 -2.40 -29.72
C LYS A 142 33.38 -2.98 -28.35
N ARG A 143 33.15 -2.23 -27.28
CA ARG A 143 33.40 -2.76 -25.95
C ARG A 143 32.41 -3.88 -25.58
N ASP A 144 32.85 -4.77 -24.70
CA ASP A 144 31.94 -5.73 -24.10
C ASP A 144 30.82 -4.99 -23.34
N HIS A 145 29.56 -5.30 -23.67
CA HIS A 145 28.45 -4.47 -23.21
C HIS A 145 27.16 -5.26 -23.14
N MET A 146 26.16 -4.68 -22.47
CA MET A 146 24.80 -5.23 -22.48
C MET A 146 23.80 -4.09 -22.52
N VAL A 147 22.89 -4.16 -23.48
CA VAL A 147 21.73 -3.27 -23.57
C VAL A 147 20.56 -4.00 -22.94
N LEU A 148 19.85 -3.32 -22.04
CA LEU A 148 18.84 -3.95 -21.20
C LEU A 148 17.56 -3.14 -21.17
N LEU A 149 16.44 -3.80 -21.46
CA LEU A 149 15.10 -3.25 -21.26
C LEU A 149 14.41 -4.12 -20.22
N GLU A 150 13.73 -3.48 -19.26
CA GLU A 150 13.14 -4.25 -18.17
C GLU A 150 11.83 -3.62 -17.72
N PHE A 151 10.83 -4.47 -17.49
CA PHE A 151 9.58 -4.07 -16.86
C PHE A 151 9.44 -4.75 -15.51
N VAL A 152 9.10 -3.97 -14.49
CA VAL A 152 8.96 -4.44 -13.11
C VAL A 152 7.62 -3.95 -12.57
N THR A 153 6.77 -4.89 -12.14
CA THR A 153 5.44 -4.56 -11.63
C THR A 153 5.22 -5.26 -10.28
N ALA A 154 4.71 -4.52 -9.32
CA ALA A 154 4.29 -5.10 -8.05
C ALA A 154 2.91 -5.74 -8.19
N ALA A 155 2.70 -6.85 -7.47
CA ALA A 155 1.44 -7.59 -7.49
C ALA A 155 1.36 -8.49 -6.26
N GLY A 156 0.27 -9.25 -6.18
CA GLY A 156 0.09 -10.22 -5.12
C GLY A 156 -0.71 -9.73 -3.93
N ILE A 157 -1.35 -8.57 -4.02
CA ILE A 157 -2.22 -8.07 -2.96
C ILE A 157 -3.59 -7.83 -3.60
N THR A 158 -4.60 -8.53 -3.10
CA THR A 158 -5.93 -8.49 -3.71
C THR A 158 -6.56 -7.12 -3.51
N LEU A 159 -7.07 -6.54 -4.60
CA LEU A 159 -7.68 -5.21 -4.56
C LEU A 159 -9.15 -5.30 -4.17
N ASP A 162 -13.14 -1.26 1.27
CA ASP A 162 -12.11 -1.71 0.34
C ASP A 162 -12.11 -0.96 -1.00
N GLU A 163 -12.72 -1.55 -2.03
CA GLU A 163 -12.75 -0.97 -3.37
C GLU A 163 -14.17 -0.71 -3.86
N TYR A 165 -13.16 2.90 0.85
CA TYR A 165 -13.99 4.04 0.45
C TYR A 165 -14.20 4.07 -1.07
N SER A 175 4.13 7.54 0.05
CA SER A 175 5.30 8.04 0.78
C SER A 175 5.84 9.30 0.11
N LYS A 176 6.52 10.15 0.88
CA LYS A 176 7.15 11.33 0.27
C LYS A 176 8.25 10.94 -0.71
N GLY A 177 8.89 9.79 -0.52
CA GLY A 177 9.89 9.33 -1.47
C GLY A 177 9.32 9.09 -2.87
N GLU A 178 8.05 8.73 -2.96
CA GLU A 178 7.50 8.34 -4.26
C GLU A 178 7.47 9.52 -5.23
N GLU A 179 7.38 10.76 -4.74
CA GLU A 179 7.27 11.88 -5.67
C GLU A 179 8.59 12.20 -6.36
N LEU A 180 9.68 11.57 -5.94
CA LEU A 180 10.93 11.64 -6.67
C LEU A 180 10.94 10.79 -7.94
N PHE A 181 9.94 9.95 -8.15
CA PHE A 181 9.93 9.02 -9.27
C PHE A 181 8.77 9.27 -10.23
N THR A 182 8.14 10.44 -10.15
CA THR A 182 6.96 10.70 -10.97
C THR A 182 7.29 10.81 -12.46
N GLY A 183 8.52 11.17 -12.81
CA GLY A 183 8.90 11.27 -14.21
C GLY A 183 10.00 10.30 -14.62
N VAL A 184 10.81 10.69 -15.61
CA VAL A 184 11.95 9.90 -16.05
C VAL A 184 13.18 10.31 -15.25
N VAL A 185 13.82 9.35 -14.59
CA VAL A 185 14.96 9.60 -13.71
C VAL A 185 16.20 8.99 -14.36
N PRO A 186 17.30 9.74 -14.48
CA PRO A 186 18.53 9.14 -14.97
C PRO A 186 19.16 8.23 -13.92
N ILE A 187 19.82 7.17 -14.39
CA ILE A 187 20.40 6.14 -13.53
C ILE A 187 21.87 5.95 -13.86
N LEU A 188 22.68 5.78 -12.82
CA LEU A 188 24.09 5.45 -12.96
C LEU A 188 24.37 4.20 -12.14
N VAL A 189 25.03 3.21 -12.74
CA VAL A 189 25.30 1.92 -12.08
C VAL A 189 26.79 1.64 -12.14
N GLU A 190 27.37 1.31 -11.01
CA GLU A 190 28.80 1.03 -10.93
C GLU A 190 29.00 -0.27 -10.16
N LEU A 191 29.81 -1.16 -10.72
CA LEU A 191 30.04 -2.43 -10.06
C LEU A 191 31.53 -2.71 -10.13
N ASP A 192 32.10 -3.08 -8.99
CA ASP A 192 33.43 -3.66 -8.93
C ASP A 192 33.24 -5.11 -8.55
N GLY A 193 33.74 -6.02 -9.38
CA GLY A 193 33.53 -7.44 -9.19
C GLY A 193 34.84 -8.19 -9.00
N ASP A 194 34.74 -9.32 -8.30
CA ASP A 194 35.89 -10.20 -8.14
C ASP A 194 35.32 -11.61 -8.07
N VAL A 195 35.50 -12.38 -9.14
CA VAL A 195 34.97 -13.73 -9.21
C VAL A 195 36.15 -14.67 -9.37
N ASN A 196 36.40 -15.49 -8.35
CA ASN A 196 37.53 -16.42 -8.34
C ASN A 196 38.83 -15.69 -8.67
N GLY A 197 39.01 -14.48 -8.14
CA GLY A 197 40.20 -13.71 -8.44
C GLY A 197 40.16 -12.94 -9.75
N HIS A 198 39.20 -13.20 -10.64
CA HIS A 198 39.03 -12.41 -11.84
C HIS A 198 38.35 -11.10 -11.48
N LYS A 199 39.11 -10.00 -11.48
CA LYS A 199 38.60 -8.68 -11.14
C LYS A 199 38.09 -7.96 -12.38
N PHE A 200 37.02 -7.18 -12.22
CA PHE A 200 36.39 -6.51 -13.35
C PHE A 200 35.51 -5.40 -12.83
N SER A 201 35.18 -4.46 -13.72
CA SER A 201 34.32 -3.34 -13.36
C SER A 201 33.28 -3.14 -14.44
N VAL A 202 32.09 -2.72 -14.03
CA VAL A 202 31.01 -2.39 -14.95
C VAL A 202 30.50 -0.98 -14.64
N ARG A 203 30.25 -0.20 -15.68
CA ARG A 203 29.55 1.06 -15.59
C ARG A 203 28.34 1.03 -16.50
N GLY A 204 27.20 1.49 -16.01
CA GLY A 204 26.01 1.56 -16.83
C GLY A 204 25.27 2.85 -16.58
N GLU A 205 24.54 3.28 -17.61
CA GLU A 205 23.73 4.49 -17.51
C GLU A 205 22.44 4.28 -18.26
N GLY A 206 21.42 5.04 -17.87
CA GLY A 206 20.13 4.94 -18.55
C GLY A 206 19.05 5.65 -17.78
N GLU A 207 17.82 5.17 -17.93
CA GLU A 207 16.74 5.91 -17.29
C GLU A 207 15.67 4.97 -16.74
N GLY A 208 15.00 5.45 -15.70
CA GLY A 208 13.97 4.69 -15.00
C GLY A 208 12.68 5.47 -15.00
N ASP A 209 11.59 4.76 -15.29
CA ASP A 209 10.25 5.34 -15.44
C ASP A 209 9.31 4.53 -14.55
N ALA A 210 9.27 4.87 -13.26
CA ALA A 210 8.50 4.06 -12.31
C ALA A 210 7.02 4.04 -12.66
N THR A 211 6.50 5.14 -13.21
CA THR A 211 5.11 5.18 -13.65
C THR A 211 4.77 4.00 -14.55
N ASN A 212 5.70 3.58 -15.41
CA ASN A 212 5.46 2.46 -16.30
C ASN A 212 6.31 1.24 -15.93
N GLY A 213 7.00 1.29 -14.79
CA GLY A 213 7.92 0.24 -14.35
C GLY A 213 9.02 -0.12 -15.33
N LYS A 214 9.59 0.86 -16.01
CA LYS A 214 10.42 0.61 -17.18
C LYS A 214 11.86 1.08 -16.94
N LEU A 215 12.80 0.18 -17.17
CA LEU A 215 14.23 0.46 -17.08
C LEU A 215 14.80 0.29 -18.47
N THR A 216 15.59 1.28 -18.90
CA THR A 216 16.33 1.21 -20.16
C THR A 216 17.77 1.64 -19.84
N LEU A 217 18.70 0.70 -19.91
CA LEU A 217 20.07 0.97 -19.55
C LEU A 217 21.01 0.27 -20.51
N LYS A 218 22.22 0.83 -20.64
CA LYS A 218 23.33 0.19 -21.33
C LYS A 218 24.52 0.08 -20.38
N PHE A 219 25.14 -1.10 -20.34
CA PHE A 219 26.25 -1.39 -19.45
C PHE A 219 27.50 -1.71 -20.27
N ILE A 220 28.64 -1.25 -19.76
CA ILE A 220 29.95 -1.45 -20.35
C ILE A 220 30.84 -2.16 -19.33
N CYS A 221 31.58 -3.18 -19.76
CA CYS A 221 32.71 -3.65 -18.98
C CYS A 221 33.89 -2.73 -19.26
N THR A 222 34.28 -1.93 -18.28
CA THR A 222 35.29 -0.89 -18.45
C THR A 222 36.71 -1.42 -18.32
N THR A 223 36.87 -2.68 -17.94
CA THR A 223 38.17 -3.29 -17.76
C THR A 223 38.47 -4.33 -18.84
N GLY A 224 37.71 -4.30 -19.94
CA GLY A 224 37.88 -5.27 -21.00
C GLY A 224 36.77 -6.29 -21.10
N LYS A 225 37.13 -7.57 -21.17
CA LYS A 225 36.16 -8.65 -21.33
C LYS A 225 35.55 -9.02 -19.99
N LEU A 226 34.21 -9.08 -19.94
CA LEU A 226 33.52 -9.54 -18.73
C LEU A 226 33.85 -11.00 -18.47
N PRO A 227 34.37 -11.37 -17.30
CA PRO A 227 34.72 -12.77 -17.06
C PRO A 227 33.55 -13.66 -16.64
N VAL A 228 32.33 -13.13 -16.64
CA VAL A 228 31.12 -13.92 -16.41
C VAL A 228 30.08 -13.50 -17.43
N PRO A 229 29.04 -14.30 -17.62
CA PRO A 229 28.02 -13.91 -18.59
C PRO A 229 27.17 -12.75 -18.07
N TRP A 230 26.97 -11.77 -18.96
CA TRP A 230 26.10 -10.64 -18.67
C TRP A 230 24.76 -11.01 -18.04
N PRO A 231 24.04 -12.06 -18.48
CA PRO A 231 22.76 -12.38 -17.82
C PRO A 231 22.90 -12.67 -16.34
N THR A 232 24.06 -13.17 -15.88
CA THR A 232 24.19 -13.44 -14.46
C THR A 232 24.37 -12.18 -13.63
N LEU A 233 24.59 -11.02 -14.26
CA LEU A 233 24.73 -9.74 -13.56
C LEU A 233 23.49 -8.87 -13.60
N VAL A 234 22.44 -9.29 -14.32
CA VAL A 234 21.24 -8.46 -14.46
C VAL A 234 20.64 -8.12 -13.10
N THR A 235 20.46 -9.12 -12.23
CA THR A 235 19.79 -8.84 -10.95
C THR A 235 20.62 -7.90 -10.07
N THR A 236 21.95 -8.01 -10.14
CA THR A 236 22.81 -7.14 -9.33
C THR A 236 22.82 -5.71 -9.87
N LEU A 237 22.96 -5.57 -11.19
CA LEU A 237 22.98 -4.27 -11.86
C LEU A 237 21.61 -3.61 -11.82
N1 CRO A 238 20.46 -4.43 -12.02
CA1 CRO A 238 19.21 -3.73 -11.81
CB1 CRO A 238 18.37 -3.68 -13.13
CG1 CRO A 238 19.08 -2.79 -14.12
OG1 CRO A 238 18.25 -4.95 -13.69
C1 CRO A 238 18.51 -4.52 -10.71
N2 CRO A 238 17.63 -5.58 -10.91
N3 CRO A 238 18.78 -4.27 -9.30
C2 CRO A 238 17.96 -5.25 -8.57
O2 CRO A 238 17.88 -5.35 -7.39
CA2 CRO A 238 17.22 -6.08 -9.63
CA3 CRO A 238 19.67 -3.24 -8.74
C3 CRO A 238 18.83 -2.14 -8.17
O3 CRO A 238 19.26 -1.58 -7.13
CB2 CRO A 238 16.38 -7.10 -9.33
CG2 CRO A 238 15.86 -8.14 -10.35
CD1 CRO A 238 15.09 -9.21 -9.87
CD2 CRO A 238 16.14 -8.03 -11.70
CE1 CRO A 238 14.56 -10.15 -10.75
CE2 CRO A 238 15.64 -8.96 -12.59
CZ CRO A 238 14.86 -10.01 -12.10
OH CRO A 238 14.33 -10.98 -13.05
N VAL A 239 17.81 -1.78 -9.12
CA VAL A 239 17.20 -0.51 -8.78
C VAL A 239 15.70 -0.71 -8.68
N GLN A 240 15.32 -1.56 -7.74
CA GLN A 240 13.91 -1.90 -7.61
C GLN A 240 13.03 -0.70 -7.22
N CYS A 241 13.61 0.46 -6.92
CA CYS A 241 12.79 1.64 -6.72
C CYS A 241 12.05 2.07 -7.98
N PHE A 242 12.38 1.51 -9.15
CA PHE A 242 11.67 1.84 -10.37
C PHE A 242 10.55 0.88 -10.69
N ALA A 243 10.23 -0.03 -9.78
CA ALA A 243 9.04 -0.86 -9.95
C ALA A 243 7.78 0.00 -9.97
N ARG A 244 6.80 -0.43 -10.78
CA ARG A 244 5.47 0.19 -10.75
C ARG A 244 4.64 -0.51 -9.66
N TYR A 245 4.36 0.19 -8.58
CA TYR A 245 3.42 -0.32 -7.59
C TYR A 245 2.04 0.19 -7.94
N PRO A 246 1.05 -0.70 -8.13
CA PRO A 246 -0.32 -0.23 -8.42
C PRO A 246 -0.88 0.64 -7.29
N ASP A 247 -1.91 1.42 -7.64
CA ASP A 247 -2.49 2.38 -6.70
C ASP A 247 -2.85 1.74 -5.37
N HIS A 248 -3.51 0.57 -5.40
CA HIS A 248 -3.90 -0.06 -4.13
C HIS A 248 -2.73 -0.66 -3.37
N MET A 249 -1.50 -0.55 -3.85
CA MET A 249 -0.35 -1.14 -3.18
C MET A 249 0.70 -0.10 -2.79
N LYS A 250 0.41 1.19 -2.98
CA LYS A 250 1.43 2.22 -2.74
C LYS A 250 1.98 2.21 -1.33
N GLN A 251 1.23 1.66 -0.38
CA GLN A 251 1.68 1.57 1.01
C GLN A 251 2.68 0.46 1.24
N HIS A 252 2.97 -0.36 0.22
CA HIS A 252 3.89 -1.48 0.37
C HIS A 252 5.19 -1.30 -0.43
N ASP A 253 5.47 -0.08 -0.86
CA ASP A 253 6.64 0.20 -1.69
C ASP A 253 7.74 0.69 -0.77
N PHE A 254 8.49 -0.26 -0.20
CA PHE A 254 9.61 0.09 0.66
C PHE A 254 10.66 0.90 -0.10
N PHE A 255 10.92 0.55 -1.36
CA PHE A 255 12.11 1.07 -2.05
C PHE A 255 12.03 2.57 -2.24
N LYS A 256 10.90 3.08 -2.71
CA LYS A 256 10.78 4.53 -2.88
C LYS A 256 10.73 5.23 -1.53
N SER A 257 10.11 4.60 -0.52
CA SER A 257 9.93 5.29 0.75
C SER A 257 11.27 5.60 1.41
N ALA A 258 12.28 4.78 1.16
CA ALA A 258 13.60 5.04 1.73
C ALA A 258 14.38 6.13 0.98
N MET A 259 13.83 6.68 -0.05
CA MET A 259 14.52 7.72 -0.78
C MET A 259 14.15 9.09 -0.23
N PRO A 260 15.02 10.10 -0.38
CA PRO A 260 16.27 10.04 -1.17
C PRO A 260 17.49 9.40 -0.51
N GLU A 261 17.54 9.24 0.82
CA GLU A 261 18.79 8.78 1.44
C GLU A 261 19.19 7.39 0.95
N GLY A 262 18.21 6.54 0.64
CA GLY A 262 18.46 5.30 -0.03
C GLY A 262 18.48 4.11 0.91
N TYR A 263 18.95 2.98 0.38
CA TYR A 263 19.01 1.75 1.14
C TYR A 263 20.23 0.95 0.72
N ILE A 264 20.68 0.11 1.66
CA ILE A 264 21.68 -0.90 1.40
C ILE A 264 20.96 -2.15 0.93
N GLN A 265 21.46 -2.75 -0.15
CA GLN A 265 20.89 -3.98 -0.69
C GLN A 265 22.01 -5.02 -0.72
N GLU A 266 21.80 -6.13 -0.02
CA GLU A 266 22.75 -7.23 0.00
C GLU A 266 22.11 -8.50 -0.56
N ARG A 267 22.92 -9.31 -1.23
CA ARG A 267 22.43 -10.54 -1.81
C ARG A 267 23.44 -11.67 -1.64
N THR A 268 22.92 -12.86 -1.52
CA THR A 268 23.65 -14.10 -1.79
C THR A 268 22.97 -14.74 -2.99
N ILE A 269 23.76 -15.04 -4.03
CA ILE A 269 23.23 -15.65 -5.24
C ILE A 269 23.94 -16.99 -5.43
N VAL A 270 23.21 -18.08 -5.27
CA VAL A 270 23.79 -19.42 -5.32
C VAL A 270 23.47 -20.03 -6.69
N PHE A 271 24.50 -20.23 -7.50
CA PHE A 271 24.33 -20.93 -8.77
C PHE A 271 24.38 -22.43 -8.52
N LYS A 272 23.29 -23.12 -8.85
CA LYS A 272 23.22 -24.55 -8.58
C LYS A 272 24.38 -25.27 -9.26
N ASP A 273 25.04 -26.14 -8.48
CA ASP A 273 26.23 -26.90 -8.88
C ASP A 273 27.41 -26.00 -9.23
N ASP A 274 27.47 -24.80 -8.66
CA ASP A 274 28.56 -23.89 -9.00
C ASP A 274 28.76 -22.89 -7.87
N GLY A 275 29.42 -21.77 -8.18
CA GLY A 275 29.82 -20.81 -7.18
C GLY A 275 28.68 -19.91 -6.73
N THR A 276 29.04 -18.95 -5.87
CA THR A 276 28.12 -18.03 -5.24
C THR A 276 28.63 -16.62 -5.41
N TYR A 277 27.73 -15.69 -5.76
CA TYR A 277 27.98 -14.26 -5.69
C TYR A 277 27.51 -13.72 -4.35
N LYS A 278 28.31 -12.84 -3.77
CA LYS A 278 27.88 -12.04 -2.63
C LYS A 278 28.02 -10.58 -3.03
N THR A 279 26.94 -9.81 -2.85
CA THR A 279 26.89 -8.43 -3.30
C THR A 279 26.40 -7.54 -2.18
N ARG A 280 26.92 -6.33 -2.18
CA ARG A 280 26.47 -5.25 -1.32
C ARG A 280 26.37 -4.02 -2.19
N ALA A 281 25.24 -3.32 -2.14
CA ALA A 281 25.03 -2.16 -2.98
C ALA A 281 24.45 -1.00 -2.18
N GLU A 282 24.85 0.21 -2.55
CA GLU A 282 24.24 1.45 -2.06
C GLU A 282 23.38 2.01 -3.19
N VAL A 283 22.10 2.20 -2.93
CA VAL A 283 21.14 2.73 -3.90
C VAL A 283 20.59 4.03 -3.32
N LYS A 284 20.82 5.15 -4.01
CA LYS A 284 20.41 6.45 -3.47
C LYS A 284 20.49 7.51 -4.55
N PHE A 285 19.83 8.63 -4.30
CA PHE A 285 19.94 9.79 -5.18
C PHE A 285 21.23 10.53 -4.87
N GLU A 286 21.90 10.95 -5.93
CA GLU A 286 22.91 12.00 -5.88
C GLU A 286 22.41 13.05 -6.86
N GLY A 287 21.97 14.19 -6.33
CA GLY A 287 21.29 15.16 -7.18
C GLY A 287 20.05 14.54 -7.79
N ASP A 288 19.86 14.76 -9.08
CA ASP A 288 18.70 14.22 -9.78
C ASP A 288 18.88 12.76 -10.23
N THR A 289 20.01 12.13 -9.91
CA THR A 289 20.39 10.85 -10.48
C THR A 289 20.29 9.73 -9.45
N LEU A 290 19.57 8.67 -9.81
CA LEU A 290 19.52 7.47 -8.96
C LEU A 290 20.78 6.65 -9.22
N VAL A 291 21.58 6.47 -8.18
CA VAL A 291 22.87 5.79 -8.30
C VAL A 291 22.80 4.46 -7.57
N ASN A 292 23.41 3.44 -8.18
CA ASN A 292 23.50 2.09 -7.63
C ASN A 292 24.99 1.71 -7.66
N ARG A 293 25.67 1.71 -6.51
CA ARG A 293 27.07 1.33 -6.41
C ARG A 293 27.20 -0.03 -5.76
N ILE A 294 27.91 -0.95 -6.41
CA ILE A 294 27.89 -2.36 -6.05
C ILE A 294 29.30 -2.88 -5.85
N GLU A 295 29.47 -3.70 -4.82
CA GLU A 295 30.63 -4.57 -4.71
C GLU A 295 30.14 -6.01 -4.83
N LEU A 296 30.81 -6.79 -5.68
CA LEU A 296 30.46 -8.19 -5.89
C LEU A 296 31.70 -9.05 -5.72
N LYS A 297 31.56 -10.12 -4.96
CA LYS A 297 32.60 -11.13 -4.83
C LYS A 297 32.01 -12.49 -5.16
N GLY A 298 32.67 -13.22 -6.05
CA GLY A 298 32.26 -14.56 -6.41
C GLY A 298 33.32 -15.57 -5.97
N ILE A 299 32.86 -16.64 -5.32
CA ILE A 299 33.74 -17.68 -4.83
C ILE A 299 33.21 -19.05 -5.22
N ASP A 300 34.13 -20.02 -5.29
CA ASP A 300 33.83 -21.42 -5.53
C ASP A 300 33.28 -21.68 -6.93
N PHE A 301 33.62 -20.86 -7.91
CA PHE A 301 33.12 -21.13 -9.25
C PHE A 301 34.01 -22.13 -9.96
N LYS A 302 33.39 -22.92 -10.85
CA LYS A 302 34.12 -23.87 -11.68
C LYS A 302 34.67 -23.16 -12.91
N GLU A 303 35.98 -23.30 -13.14
CA GLU A 303 36.57 -22.54 -14.24
C GLU A 303 36.11 -23.06 -15.60
N ASP A 304 35.57 -24.29 -15.65
CA ASP A 304 34.94 -24.80 -16.87
C ASP A 304 33.43 -24.98 -16.71
N GLY A 305 32.82 -24.35 -15.71
CA GLY A 305 31.39 -24.41 -15.52
C GLY A 305 30.66 -23.40 -16.38
N ASN A 306 29.35 -23.25 -16.13
CA ASN A 306 28.53 -22.46 -17.03
C ASN A 306 28.83 -20.98 -16.92
N ILE A 307 29.29 -20.52 -15.76
CA ILE A 307 29.48 -19.09 -15.56
C ILE A 307 30.85 -18.69 -16.07
N LEU A 308 31.91 -19.19 -15.41
CA LEU A 308 33.26 -18.83 -15.81
C LEU A 308 33.62 -19.37 -17.20
N GLY A 309 32.94 -20.41 -17.67
CA GLY A 309 33.13 -20.90 -19.03
C GLY A 309 32.21 -20.30 -20.09
N HIS A 310 31.42 -19.28 -19.75
CA HIS A 310 30.56 -18.57 -20.70
C HIS A 310 29.72 -19.53 -21.55
N LYS A 311 28.93 -20.36 -20.88
CA LYS A 311 28.07 -21.33 -21.57
C LYS A 311 26.59 -20.95 -21.53
N LEU A 312 26.26 -19.76 -21.06
CA LEU A 312 24.88 -19.31 -20.95
C LEU A 312 24.45 -18.51 -22.19
N GLU A 313 23.20 -18.70 -22.58
CA GLU A 313 22.62 -17.91 -23.67
C GLU A 313 22.61 -16.44 -23.30
N TYR A 314 22.96 -15.59 -24.26
CA TYR A 314 22.74 -14.16 -24.06
C TYR A 314 21.28 -13.81 -24.32
N ASN A 315 20.80 -14.05 -25.55
CA ASN A 315 19.45 -13.66 -25.91
C ASN A 315 18.87 -14.50 -27.05
N ARG A 316 19.36 -15.74 -27.24
CA ARG A 316 18.86 -16.57 -28.35
C ARG A 316 17.35 -16.74 -28.32
N VAL A 317 16.76 -16.82 -27.12
CA VAL A 317 15.30 -16.93 -26.98
C VAL A 317 14.56 -15.82 -27.71
N ASN A 318 15.13 -14.62 -27.72
CA ASN A 318 14.41 -13.41 -28.09
C ASN A 318 15.45 -12.40 -28.52
N PRO A 319 16.01 -12.57 -29.74
CA PRO A 319 17.27 -11.91 -30.07
C PRO A 319 17.12 -10.60 -30.83
N VAL A 320 15.92 -10.28 -31.31
CA VAL A 320 15.75 -9.16 -32.23
C VAL A 320 14.47 -8.42 -31.87
N GLU A 321 14.47 -7.12 -32.15
CA GLU A 321 13.22 -6.40 -32.30
C GLU A 321 12.47 -6.96 -33.51
N LEU A 322 11.16 -6.78 -33.52
CA LEU A 322 10.32 -7.19 -34.62
C LEU A 322 9.98 -5.97 -35.46
N GLY A 323 10.44 -5.95 -36.71
CA GLY A 323 10.18 -4.85 -37.60
C GLY A 323 9.08 -5.10 -38.62
N PRO A 324 9.04 -4.24 -39.64
CA PRO A 324 8.01 -4.33 -40.69
C PRO A 324 7.86 -5.74 -41.24
N GLY A 325 6.60 -6.20 -41.31
CA GLY A 325 6.28 -7.50 -41.83
C GLY A 325 6.16 -8.58 -40.78
N ALA A 326 6.67 -8.34 -39.58
CA ALA A 326 6.56 -9.28 -38.48
C ALA A 326 5.21 -9.13 -37.79
N PHE A 327 4.90 -10.09 -36.92
CA PHE A 327 3.65 -10.09 -36.20
C PHE A 327 3.89 -10.53 -34.77
N PHE A 328 2.98 -10.13 -33.88
CA PHE A 328 3.03 -10.57 -32.50
C PHE A 328 1.62 -10.56 -31.94
N GLY A 329 1.46 -11.14 -30.75
CA GLY A 329 0.14 -11.29 -30.17
C GLY A 329 -0.59 -12.53 -30.63
N GLU A 330 0.05 -13.36 -31.45
CA GLU A 330 -0.60 -14.55 -32.00
C GLU A 330 -0.68 -15.69 -31.01
N MET A 331 0.23 -15.74 -30.02
CA MET A 331 0.25 -16.88 -29.10
C MET A 331 -1.03 -16.97 -28.29
N ALA A 332 -1.52 -15.84 -27.76
CA ALA A 332 -2.75 -15.88 -26.99
C ALA A 332 -3.95 -16.31 -27.84
N LEU A 333 -3.96 -15.97 -29.13
CA LEU A 333 -5.10 -16.36 -29.97
C LEU A 333 -5.05 -17.85 -30.32
N ILE A 334 -3.87 -18.45 -30.32
CA ILE A 334 -3.78 -19.88 -30.63
C ILE A 334 -4.03 -20.73 -29.38
N SER A 335 -3.55 -20.28 -28.22
CA SER A 335 -3.62 -21.08 -27.01
C SER A 335 -4.80 -20.75 -26.12
N GLY A 336 -5.34 -19.54 -26.19
CA GLY A 336 -6.33 -19.10 -25.24
C GLY A 336 -5.77 -18.67 -23.91
N GLU A 337 -4.46 -18.81 -23.69
CA GLU A 337 -3.82 -18.36 -22.47
C GLU A 337 -3.60 -16.86 -22.53
N PRO A 338 -3.27 -16.22 -21.40
CA PRO A 338 -3.00 -14.76 -21.43
C PRO A 338 -1.71 -14.45 -22.19
N ARG A 339 -1.41 -13.16 -22.38
CA ARG A 339 -0.16 -12.80 -23.04
C ARG A 339 1.01 -13.40 -22.26
N VAL A 340 1.92 -14.07 -22.96
CA VAL A 340 3.08 -14.63 -22.28
C VAL A 340 4.23 -13.64 -22.16
N ALA A 341 4.15 -12.48 -22.80
CA ALA A 341 5.26 -11.52 -22.75
C ALA A 341 4.72 -10.10 -22.89
N THR A 342 5.55 -9.14 -22.52
CA THR A 342 5.25 -7.73 -22.71
C THR A 342 5.90 -7.27 -24.01
N VAL A 343 5.15 -6.51 -24.80
CA VAL A 343 5.61 -6.00 -26.09
C VAL A 343 5.45 -4.49 -26.05
N SER A 344 6.50 -3.77 -26.43
CA SER A 344 6.47 -2.32 -26.40
C SER A 344 7.09 -1.78 -27.69
N ALA A 345 6.70 -0.56 -28.04
CA ALA A 345 7.26 0.07 -29.23
C ALA A 345 8.70 0.49 -28.96
N ALA A 346 9.63 0.00 -29.77
CA ALA A 346 11.01 0.46 -29.69
C ALA A 346 11.17 1.81 -30.37
N THR A 347 10.60 1.97 -31.56
CA THR A 347 10.50 3.26 -32.23
C THR A 347 9.02 3.64 -32.29
N THR A 348 8.72 4.72 -33.00
CA THR A 348 7.34 4.92 -33.43
C THR A 348 6.92 3.72 -34.24
N VAL A 349 5.72 3.22 -33.99
CA VAL A 349 5.28 1.99 -34.64
C VAL A 349 3.94 2.22 -35.30
N SER A 350 3.81 1.73 -36.52
CA SER A 350 2.52 1.65 -37.20
C SER A 350 2.07 0.19 -37.20
N LEU A 351 0.88 -0.04 -36.66
CA LEU A 351 0.33 -1.37 -36.43
C LEU A 351 -0.99 -1.52 -37.17
N LEU A 352 -1.24 -2.74 -37.66
CA LEU A 352 -2.59 -3.20 -37.97
C LEU A 352 -2.93 -4.36 -37.06
N SER A 353 -4.04 -4.25 -36.33
CA SER A 353 -4.45 -5.33 -35.45
C SER A 353 -5.61 -6.10 -36.05
N LEU A 354 -5.70 -7.37 -35.65
CA LEU A 354 -6.69 -8.30 -36.16
C LEU A 354 -7.33 -8.99 -34.97
N HIS A 355 -8.66 -8.87 -34.83
CA HIS A 355 -9.34 -9.49 -33.71
C HIS A 355 -9.31 -11.02 -33.81
N SER A 356 -9.39 -11.69 -32.66
CA SER A 356 -9.38 -13.14 -32.56
C SER A 356 -10.29 -13.86 -33.57
N ALA A 357 -11.56 -13.46 -33.65
CA ALA A 357 -12.48 -14.18 -34.54
C ALA A 357 -12.05 -14.08 -35.99
N ASP A 358 -11.57 -12.91 -36.42
CA ASP A 358 -11.10 -12.78 -37.79
C ASP A 358 -9.77 -13.48 -38.02
N PHE A 359 -9.03 -13.73 -36.93
CA PHE A 359 -7.82 -14.53 -37.02
C PHE A 359 -8.15 -15.97 -37.36
N GLN A 360 -9.15 -16.55 -36.68
CA GLN A 360 -9.54 -17.93 -37.01
C GLN A 360 -9.98 -18.06 -38.47
N MET A 361 -10.65 -17.03 -39.00
CA MET A 361 -11.11 -17.12 -40.37
C MET A 361 -9.95 -16.93 -41.35
N LEU A 362 -9.01 -16.06 -41.01
CA LEU A 362 -7.80 -15.94 -41.81
C LEU A 362 -7.08 -17.27 -41.90
N CYS A 363 -6.90 -17.94 -40.75
CA CYS A 363 -6.18 -19.21 -40.74
C CYS A 363 -6.93 -20.26 -41.55
N SER A 364 -8.25 -20.22 -41.53
CA SER A 364 -9.05 -21.15 -42.32
C SER A 364 -8.93 -20.85 -43.81
N SER A 365 -8.99 -19.58 -44.21
CA SER A 365 -8.87 -19.24 -45.62
C SER A 365 -7.48 -19.53 -46.19
N SER A 366 -6.43 -19.50 -45.37
CA SER A 366 -5.08 -19.70 -45.90
C SER A 366 -4.32 -20.63 -44.98
N PRO A 367 -4.31 -21.93 -45.29
CA PRO A 367 -3.50 -22.88 -44.50
C PRO A 367 -2.02 -22.56 -44.50
N GLU A 368 -1.51 -21.98 -45.59
CA GLU A 368 -0.15 -21.47 -45.62
C GLU A 368 0.09 -20.45 -44.50
N ILE A 369 -0.79 -19.45 -44.40
CA ILE A 369 -0.64 -18.47 -43.33
C ILE A 369 -0.87 -19.12 -41.97
N ALA A 370 -1.87 -20.02 -41.89
CA ALA A 370 -2.08 -20.75 -40.65
C ALA A 370 -0.81 -21.47 -40.21
N GLU A 371 -0.12 -22.09 -41.16
CA GLU A 371 1.14 -22.76 -40.84
C GLU A 371 2.19 -21.79 -40.31
N ILE A 372 2.35 -20.65 -40.98
CA ILE A 372 3.33 -19.66 -40.52
C ILE A 372 3.05 -19.26 -39.06
N PHE A 373 1.78 -19.00 -38.73
CA PHE A 373 1.42 -18.66 -37.36
C PHE A 373 1.75 -19.80 -36.41
N ARG A 374 1.29 -21.01 -36.76
CA ARG A 374 1.48 -22.20 -35.91
C ARG A 374 2.95 -22.40 -35.57
N LYS A 375 3.82 -22.40 -36.60
CA LYS A 375 5.23 -22.65 -36.40
C LYS A 375 5.89 -21.52 -35.61
N THR A 376 5.59 -20.28 -35.97
CA THR A 376 6.17 -19.14 -35.25
C THR A 376 5.78 -19.19 -33.77
N ALA A 377 4.51 -19.46 -33.48
CA ALA A 377 4.09 -19.52 -32.08
C ALA A 377 4.77 -20.66 -31.35
N LEU A 378 4.95 -21.82 -32.02
CA LEU A 378 5.71 -22.91 -31.44
C LEU A 378 7.16 -22.51 -31.14
N GLU A 379 7.86 -21.97 -32.15
CA GLU A 379 9.23 -21.50 -31.96
C GLU A 379 9.34 -20.55 -30.77
N ARG A 380 8.34 -19.69 -30.57
CA ARG A 380 8.41 -18.72 -29.50
C ARG A 380 8.05 -19.32 -28.15
N ARG A 381 7.42 -20.49 -28.12
CA ARG A 381 6.95 -21.12 -26.89
C ARG A 381 8.10 -21.58 -25.97
N ARG B 8 -39.72 19.62 -1.71
CA ARG B 8 -40.59 18.92 -2.65
C ARG B 8 -39.81 18.55 -3.91
N ARG B 9 -40.14 19.20 -5.02
CA ARG B 9 -39.42 18.96 -6.28
C ARG B 9 -37.98 19.43 -6.18
N GLY B 10 -37.75 20.53 -5.46
CA GLY B 10 -36.41 21.11 -5.40
C GLY B 10 -35.38 20.17 -4.80
N ASP B 11 -35.78 19.42 -3.78
CA ASP B 11 -34.86 18.46 -3.18
C ASP B 11 -34.66 17.24 -4.07
N PHE B 12 -35.71 16.80 -4.77
CA PHE B 12 -35.52 15.65 -5.66
C PHE B 12 -34.51 15.97 -6.76
N VAL B 13 -34.59 17.17 -7.35
CA VAL B 13 -33.70 17.53 -8.45
C VAL B 13 -32.26 17.54 -7.96
N ARG B 14 -32.08 18.12 -6.80
CA ARG B 14 -30.80 18.17 -6.18
C ARG B 14 -30.25 16.79 -5.83
N ASN B 15 -31.01 16.00 -5.09
CA ASN B 15 -30.63 14.66 -4.74
C ASN B 15 -30.30 13.87 -5.99
N TRP B 16 -30.94 14.21 -7.11
CA TRP B 16 -30.66 13.51 -8.36
C TRP B 16 -29.23 13.79 -8.82
N GLN B 17 -28.79 15.04 -8.71
CA GLN B 17 -27.42 15.38 -9.11
C GLN B 17 -26.41 14.82 -8.13
N LEU B 18 -26.72 14.85 -6.84
CA LEU B 18 -25.79 14.35 -5.84
C LEU B 18 -25.57 12.85 -5.96
N VAL B 19 -26.61 12.10 -6.34
CA VAL B 19 -26.50 10.64 -6.36
C VAL B 19 -25.52 10.17 -7.44
N ALA B 20 -25.22 11.00 -8.45
CA ALA B 20 -24.15 10.70 -9.38
C ALA B 20 -22.82 10.46 -8.68
N ALA B 21 -22.62 11.01 -7.49
CA ALA B 21 -21.38 10.81 -6.75
C ALA B 21 -21.29 9.43 -6.12
N VAL B 22 -22.32 8.61 -6.20
CA VAL B 22 -22.31 7.28 -5.56
C VAL B 22 -22.29 6.21 -6.63
N PRO B 23 -21.11 5.74 -7.05
CA PRO B 23 -21.05 4.77 -8.15
C PRO B 23 -21.89 3.55 -7.92
N LEU B 24 -22.06 3.16 -6.64
CA LEU B 24 -22.83 1.97 -6.31
C LEU B 24 -24.21 2.01 -6.96
N PHE B 25 -24.78 3.20 -7.10
CA PHE B 25 -26.12 3.29 -7.63
C PHE B 25 -26.17 3.22 -9.15
N GLN B 26 -25.00 3.27 -9.83
CA GLN B 26 -24.96 3.00 -11.26
C GLN B 26 -25.44 1.60 -11.59
N LYS B 27 -25.53 0.71 -10.59
CA LYS B 27 -26.04 -0.65 -10.76
C LYS B 27 -27.56 -0.71 -10.86
N LEU B 28 -28.23 0.42 -10.91
CA LEU B 28 -29.68 0.50 -10.94
C LEU B 28 -30.14 1.10 -12.26
N GLY B 29 -31.33 0.69 -12.70
CA GLY B 29 -31.95 1.29 -13.85
C GLY B 29 -32.54 2.64 -13.49
N PRO B 30 -32.82 3.46 -14.51
CA PRO B 30 -33.27 4.84 -14.23
C PRO B 30 -34.53 4.92 -13.40
N ALA B 31 -35.56 4.12 -13.73
CA ALA B 31 -36.81 4.16 -12.99
C ALA B 31 -36.60 3.79 -11.52
N VAL B 32 -35.85 2.73 -11.27
CA VAL B 32 -35.53 2.35 -9.89
C VAL B 32 -34.74 3.47 -9.20
N LEU B 33 -33.81 4.09 -9.93
CA LEU B 33 -33.02 5.17 -9.33
C LEU B 33 -33.90 6.33 -8.89
N VAL B 34 -34.95 6.64 -9.66
CA VAL B 34 -35.84 7.73 -9.28
C VAL B 34 -36.53 7.43 -7.97
N GLU B 35 -36.94 6.17 -7.76
CA GLU B 35 -37.60 5.80 -6.52
C GLU B 35 -36.64 5.92 -5.35
N ILE B 36 -35.39 5.49 -5.53
CA ILE B 36 -34.42 5.54 -4.45
C ILE B 36 -34.10 6.99 -4.12
N VAL B 37 -33.83 7.81 -5.15
CA VAL B 37 -33.57 9.23 -4.94
C VAL B 37 -34.74 9.88 -4.22
N ARG B 38 -35.97 9.49 -4.58
CA ARG B 38 -37.15 10.02 -3.90
C ARG B 38 -37.13 9.72 -2.42
N ALA B 39 -36.55 8.60 -2.02
CA ALA B 39 -36.50 8.25 -0.61
C ALA B 39 -35.25 8.76 0.11
N LEU B 40 -34.27 9.30 -0.61
CA LEU B 40 -33.07 9.78 0.05
C LEU B 40 -33.30 11.16 0.65
N ARG B 41 -32.58 11.45 1.73
CA ARG B 41 -32.62 12.77 2.37
C ARG B 41 -31.19 13.33 2.44
N ALA B 42 -31.02 14.54 1.91
CA ALA B 42 -29.71 15.16 1.83
C ALA B 42 -29.37 15.87 3.13
N ARG B 43 -28.08 15.89 3.44
CA ARG B 43 -27.65 16.55 4.65
C ARG B 43 -26.25 17.09 4.45
N THR B 44 -26.03 18.31 4.94
CA THR B 44 -24.72 18.94 5.06
C THR B 44 -24.29 18.82 6.52
N VAL B 45 -23.10 18.31 6.77
CA VAL B 45 -22.58 18.08 8.11
C VAL B 45 -21.33 18.91 8.30
N PRO B 46 -21.26 19.75 9.35
CA PRO B 46 -20.06 20.53 9.59
C PRO B 46 -18.87 19.65 9.97
N ALA B 47 -17.69 20.08 9.52
CA ALA B 47 -16.44 19.43 9.89
C ALA B 47 -16.41 19.14 11.38
N GLY B 48 -16.05 17.91 11.74
CA GLY B 48 -15.88 17.52 13.13
C GLY B 48 -17.12 17.01 13.83
N ALA B 49 -18.31 17.18 13.24
CA ALA B 49 -19.53 16.81 13.91
C ALA B 49 -19.76 15.30 13.86
N VAL B 50 -20.31 14.74 14.97
CA VAL B 50 -20.65 13.32 15.03
C VAL B 50 -21.92 13.07 14.25
N ILE B 51 -21.92 12.00 13.47
CA ILE B 51 -23.05 11.62 12.63
C ILE B 51 -23.79 10.42 13.22
N CYS B 52 -23.03 9.46 13.72
CA CYS B 52 -23.56 8.25 14.37
C CYS B 52 -22.72 7.92 15.61
N ARG B 53 -23.38 7.83 16.76
CA ARG B 53 -22.71 7.53 18.02
C ARG B 53 -22.86 6.04 18.36
N ILE B 54 -21.76 5.43 18.81
CA ILE B 54 -21.78 4.01 19.18
C ILE B 54 -22.87 3.74 20.21
N GLY B 55 -23.51 2.57 20.11
CA GLY B 55 -24.59 2.20 21.01
C GLY B 55 -25.96 2.80 20.69
N GLU B 56 -26.04 3.76 19.76
CA GLU B 56 -27.32 4.33 19.37
C GLU B 56 -28.09 3.35 18.48
N PRO B 57 -29.42 3.39 18.54
CA PRO B 57 -30.21 2.64 17.56
C PRO B 57 -30.01 3.22 16.17
N GLY B 58 -29.99 2.34 15.18
CA GLY B 58 -29.83 2.76 13.80
C GLY B 58 -31.11 2.63 13.00
N ASP B 59 -31.65 3.75 12.52
CA ASP B 59 -32.81 3.72 11.65
C ASP B 59 -32.50 4.12 10.21
N ARG B 60 -31.23 4.35 9.88
CA ARG B 60 -30.87 4.76 8.52
C ARG B 60 -29.39 4.51 8.28
N MET B 61 -29.00 4.56 7.01
CA MET B 61 -27.59 4.49 6.63
C MET B 61 -27.29 5.69 5.73
N PHE B 62 -26.03 5.82 5.34
CA PHE B 62 -25.58 7.06 4.75
C PHE B 62 -24.62 6.79 3.58
N PHE B 63 -24.76 7.61 2.54
CA PHE B 63 -23.85 7.62 1.40
C PHE B 63 -23.13 8.95 1.37
N VAL B 64 -21.81 8.92 1.34
CA VAL B 64 -21.01 10.14 1.28
C VAL B 64 -21.03 10.70 -0.14
N VAL B 65 -21.42 11.97 -0.28
CA VAL B 65 -21.42 12.65 -1.57
C VAL B 65 -20.21 13.58 -1.72
N GLU B 66 -19.88 14.33 -0.67
CA GLU B 66 -18.70 15.20 -0.65
C GLU B 66 -18.04 15.06 0.70
N GLY B 67 -16.71 15.22 0.73
CA GLY B 67 -15.96 15.18 1.96
C GLY B 67 -15.66 13.76 2.40
N SER B 68 -15.13 13.63 3.62
CA SER B 68 -14.83 12.32 4.15
C SER B 68 -15.25 12.24 5.61
N VAL B 69 -15.56 11.02 6.06
CA VAL B 69 -15.95 10.78 7.44
C VAL B 69 -14.90 9.89 8.07
N SER B 70 -14.81 9.97 9.39
CA SER B 70 -13.90 9.12 10.16
C SER B 70 -14.71 8.14 10.99
N VAL B 71 -14.29 6.88 10.95
CA VAL B 71 -14.85 5.84 11.80
C VAL B 71 -13.92 5.68 12.99
N ALA B 72 -14.47 5.78 14.19
CA ALA B 72 -13.74 5.52 15.42
C ALA B 72 -14.31 4.24 16.03
N THR B 73 -13.49 3.20 16.11
CA THR B 73 -13.97 1.89 16.55
C THR B 73 -13.76 1.71 18.05
N ASN B 74 -14.44 0.70 18.60
CA ASN B 74 -14.50 0.54 20.04
C ASN B 74 -13.20 -0.04 20.58
N TRP B 75 -12.60 0.65 21.56
CA TRP B 75 -11.45 0.12 22.29
C TRP B 75 -11.82 -0.50 23.64
N GLY B 76 -13.03 -0.24 24.13
CA GLY B 76 -13.56 -0.88 25.32
C GLY B 76 -13.92 0.14 26.39
N ASN B 77 -14.14 -0.37 27.59
CA ASN B 77 -14.60 0.41 28.73
C ASN B 77 -13.51 0.49 29.78
N VAL B 78 -13.41 1.65 30.42
CA VAL B 78 -12.50 1.92 31.53
C VAL B 78 -13.36 1.98 32.80
N TYR B 79 -13.20 1.00 33.70
CA TYR B 79 -14.03 0.93 34.90
C TYR B 79 -13.39 1.66 36.07
N ILE B 80 -14.13 2.59 36.66
CA ILE B 80 -13.61 3.56 37.61
C ILE B 80 -14.30 3.35 38.95
N THR B 81 -13.52 3.45 40.03
CA THR B 81 -14.05 3.38 41.39
C THR B 81 -13.33 4.42 42.24
N ALA B 82 -14.00 4.87 43.30
CA ALA B 82 -13.39 5.81 44.23
C ALA B 82 -12.30 5.15 45.06
N ASP B 83 -11.26 5.93 45.36
CA ASP B 83 -10.21 5.55 46.32
C ASP B 83 -10.14 6.65 47.36
N LYS B 84 -11.07 6.60 48.32
CA LYS B 84 -11.18 7.70 49.28
C LYS B 84 -10.01 7.75 50.24
N GLN B 85 -9.35 6.61 50.47
CA GLN B 85 -8.14 6.62 51.30
C GLN B 85 -7.05 7.52 50.72
N LYS B 86 -7.04 7.71 49.40
CA LYS B 86 -6.08 8.60 48.77
C LYS B 86 -6.75 9.80 48.12
N ASN B 87 -8.05 10.01 48.39
CA ASN B 87 -8.80 11.14 47.84
C ASN B 87 -8.74 11.19 46.31
N GLY B 88 -8.84 10.03 45.67
CA GLY B 88 -8.80 9.95 44.22
C GLY B 88 -9.60 8.79 43.68
N ILE B 89 -9.09 8.17 42.61
CA ILE B 89 -9.80 7.09 41.95
C ILE B 89 -8.84 5.97 41.60
N LYS B 90 -9.43 4.80 41.36
CA LYS B 90 -8.75 3.67 40.75
C LYS B 90 -9.52 3.30 39.49
N ALA B 91 -8.83 2.70 38.53
CA ALA B 91 -9.48 2.17 37.35
C ALA B 91 -8.80 0.88 36.94
N ASN B 92 -9.55 0.03 36.26
CA ASN B 92 -8.94 -1.13 35.64
C ASN B 92 -9.76 -1.49 34.40
N PHE B 93 -9.07 -2.08 33.43
CA PHE B 93 -9.64 -2.40 32.13
C PHE B 93 -8.61 -3.18 31.33
N LYS B 94 -9.08 -3.83 30.28
CA LYS B 94 -8.24 -4.60 29.37
C LYS B 94 -8.29 -3.97 28.00
N ILE B 95 -7.16 -3.98 27.30
CA ILE B 95 -7.09 -3.52 25.91
C ILE B 95 -6.75 -4.71 25.04
N ARG B 96 -7.39 -4.82 23.88
CA ARG B 96 -7.13 -5.91 22.94
C ARG B 96 -6.44 -5.36 21.69
N HIS B 97 -5.13 -5.55 21.61
CA HIS B 97 -4.32 -5.13 20.46
C HIS B 97 -4.30 -6.25 19.41
N ASN B 98 -4.83 -5.98 18.23
CA ASN B 98 -4.76 -6.96 17.15
C ASN B 98 -3.30 -7.26 16.78
N VAL B 99 -3.02 -8.54 16.57
CA VAL B 99 -1.70 -9.01 16.17
C VAL B 99 -1.72 -9.29 14.68
N GLU B 100 -0.66 -8.89 13.99
CA GLU B 100 -0.52 -9.22 12.58
C GLU B 100 -0.51 -10.74 12.42
N GLY B 101 -1.39 -11.25 11.56
CA GLY B 101 -1.57 -12.67 11.40
C GLY B 101 -2.84 -13.19 12.04
N GLY B 102 -3.43 -12.44 12.97
CA GLY B 102 -4.77 -12.78 13.40
C GLY B 102 -5.05 -12.85 14.90
N GLY B 103 -4.03 -13.06 15.71
CA GLY B 103 -4.30 -13.16 17.12
C GLY B 103 -4.67 -11.83 17.78
N VAL B 104 -4.71 -11.86 19.10
CA VAL B 104 -4.92 -10.68 19.92
C VAL B 104 -3.86 -10.66 21.01
N GLN B 105 -3.34 -9.46 21.32
CA GLN B 105 -2.43 -9.24 22.45
C GLN B 105 -3.16 -8.45 23.53
N LEU B 106 -3.34 -9.06 24.69
CA LEU B 106 -4.08 -8.45 25.80
C LEU B 106 -3.16 -7.59 26.66
N ALA B 107 -3.66 -6.42 27.07
CA ALA B 107 -2.94 -5.52 27.97
C ALA B 107 -3.84 -5.17 29.15
N TYR B 108 -3.55 -5.76 30.30
CA TYR B 108 -4.32 -5.51 31.52
C TYR B 108 -3.84 -4.21 32.16
N HIS B 109 -4.74 -3.24 32.30
CA HIS B 109 -4.42 -1.91 32.80
C HIS B 109 -4.90 -1.78 34.24
N TYR B 110 -3.99 -1.43 35.14
CA TYR B 110 -4.33 -1.11 36.53
C TYR B 110 -3.93 0.34 36.78
N GLN B 111 -4.88 1.15 37.25
CA GLN B 111 -4.75 2.61 37.22
C GLN B 111 -5.08 3.22 38.58
N GLN B 112 -4.36 4.30 38.92
CA GLN B 112 -4.55 5.06 40.16
C GLN B 112 -4.37 6.54 39.88
N ASN B 113 -5.30 7.38 40.39
CA ASN B 113 -5.21 8.82 40.23
C ASN B 113 -5.33 9.50 41.59
N THR B 114 -4.44 10.47 41.85
CA THR B 114 -4.39 11.23 43.09
C THR B 114 -4.30 12.72 42.77
N PRO B 115 -5.05 13.57 43.48
CA PRO B 115 -4.96 15.02 43.23
C PRO B 115 -3.58 15.57 43.59
N ILE B 116 -3.20 16.63 42.88
CA ILE B 116 -1.97 17.33 43.20
C ILE B 116 -2.25 18.42 44.24
N GLY B 117 -3.36 19.13 44.10
CA GLY B 117 -3.69 20.17 45.06
C GLY B 117 -4.34 19.61 46.30
N ASP B 118 -4.54 20.48 47.29
CA ASP B 118 -5.20 20.02 48.49
C ASP B 118 -6.68 20.40 48.54
N GLY B 119 -7.16 21.16 47.57
CA GLY B 119 -8.57 21.49 47.49
C GLY B 119 -9.42 20.25 47.29
N PRO B 120 -10.74 20.42 47.40
CA PRO B 120 -11.62 19.25 47.38
C PRO B 120 -11.90 18.77 45.97
N VAL B 121 -12.15 17.47 45.85
CA VAL B 121 -12.40 16.83 44.56
C VAL B 121 -13.65 15.99 44.67
N LEU B 122 -14.21 15.67 43.50
CA LEU B 122 -15.35 14.76 43.42
C LEU B 122 -14.84 13.33 43.42
N LEU B 123 -15.23 12.58 44.45
CA LEU B 123 -15.01 11.14 44.48
C LEU B 123 -16.25 10.44 43.92
N PRO B 124 -16.12 9.64 42.87
CA PRO B 124 -17.31 9.15 42.16
C PRO B 124 -17.86 7.81 42.65
N ASP B 125 -19.16 7.63 42.41
CA ASP B 125 -19.71 6.28 42.37
C ASP B 125 -19.12 5.54 41.18
N ASN B 126 -19.15 4.21 41.27
CA ASN B 126 -18.72 3.36 40.18
C ASN B 126 -19.39 3.76 38.87
N HIS B 127 -18.60 3.83 37.82
CA HIS B 127 -19.07 4.13 36.47
C HIS B 127 -17.95 3.75 35.53
N TYR B 128 -18.13 4.01 34.24
CA TYR B 128 -17.05 3.71 33.31
C TYR B 128 -16.99 4.76 32.21
N LEU B 129 -15.83 4.79 31.53
CA LEU B 129 -15.64 5.57 30.32
C LEU B 129 -15.60 4.62 29.14
N SER B 130 -16.42 4.89 28.12
CA SER B 130 -16.37 4.18 26.85
C SER B 130 -15.46 4.95 25.88
N VAL B 131 -14.61 4.22 25.16
CA VAL B 131 -13.57 4.83 24.33
C VAL B 131 -13.66 4.28 22.90
N GLN B 132 -13.74 5.18 21.92
CA GLN B 132 -13.57 4.79 20.54
C GLN B 132 -12.42 5.57 19.94
N SER B 133 -11.70 4.95 18.99
CA SER B 133 -10.43 5.50 18.54
C SER B 133 -10.26 5.23 17.06
N LYS B 134 -9.50 6.11 16.42
CA LYS B 134 -9.02 5.93 15.06
C LYS B 134 -7.57 6.35 15.02
N LEU B 135 -6.72 5.47 14.49
CA LEU B 135 -5.29 5.72 14.38
C LEU B 135 -4.94 5.88 12.92
N SER B 136 -4.15 6.90 12.60
CA SER B 136 -3.84 7.18 11.21
C SER B 136 -2.44 7.75 11.09
N LYS B 137 -2.01 7.93 9.84
CA LYS B 137 -0.72 8.50 9.51
C LYS B 137 -0.94 9.77 8.69
N ASP B 138 -0.11 10.76 8.95
CA ASP B 138 -0.08 11.99 8.17
C ASP B 138 0.85 11.74 6.98
N PRO B 139 0.33 11.63 5.75
CA PRO B 139 1.18 11.24 4.62
C PRO B 139 2.32 12.20 4.34
N ASN B 140 2.22 13.47 4.72
CA ASN B 140 3.32 14.39 4.53
C ASN B 140 4.31 14.37 5.69
N GLU B 141 4.08 13.54 6.70
CA GLU B 141 4.96 13.51 7.85
C GLU B 141 6.04 12.46 7.62
N LYS B 142 7.30 12.87 7.78
CA LYS B 142 8.43 11.98 7.56
C LYS B 142 8.96 11.36 8.83
N ARG B 143 8.68 11.97 9.99
CA ARG B 143 9.06 11.41 11.27
C ARG B 143 8.14 10.24 11.65
N ASP B 144 8.64 9.39 12.55
CA ASP B 144 7.81 8.35 13.14
C ASP B 144 6.75 8.97 14.05
N HIS B 145 5.48 8.67 13.78
CA HIS B 145 4.37 9.45 14.33
C HIS B 145 3.08 8.64 14.37
N MET B 146 2.11 9.16 15.12
CA MET B 146 0.75 8.63 15.21
C MET B 146 -0.22 9.80 15.21
N VAL B 147 -1.22 9.75 14.34
CA VAL B 147 -2.33 10.68 14.41
C VAL B 147 -3.49 9.93 15.05
N LEU B 148 -4.18 10.58 15.98
CA LEU B 148 -5.11 9.90 16.86
C LEU B 148 -6.39 10.71 16.97
N LEU B 149 -7.52 10.08 16.68
CA LEU B 149 -8.83 10.62 17.01
C LEU B 149 -9.44 9.68 18.04
N GLU B 150 -10.03 10.25 19.07
CA GLU B 150 -10.57 9.47 20.20
C GLU B 150 -11.84 10.12 20.72
N PHE B 151 -12.83 9.28 21.05
CA PHE B 151 -14.06 9.69 21.72
C PHE B 151 -14.16 8.99 23.07
N VAL B 152 -14.43 9.77 24.12
CA VAL B 152 -14.49 9.26 25.49
C VAL B 152 -15.80 9.74 26.12
N THR B 153 -16.62 8.81 26.58
CA THR B 153 -17.96 9.11 27.11
C THR B 153 -18.17 8.39 28.43
N ALA B 154 -18.50 9.13 29.47
CA ALA B 154 -18.79 8.50 30.75
C ALA B 154 -20.20 7.90 30.71
N ALA B 155 -20.36 6.76 31.38
CA ALA B 155 -21.62 6.03 31.31
C ALA B 155 -21.69 5.11 32.52
N GLY B 156 -22.81 4.39 32.62
CA GLY B 156 -22.97 3.37 33.63
C GLY B 156 -23.77 3.76 34.85
N ILE B 157 -24.22 5.01 34.95
CA ILE B 157 -25.06 5.47 36.06
C ILE B 157 -26.39 5.92 35.47
N THR B 158 -27.46 5.21 35.81
CA THR B 158 -28.74 5.35 35.12
C THR B 158 -29.60 6.54 35.60
N LEU B 159 -29.54 6.87 36.88
CA LEU B 159 -30.26 8.03 37.41
N SER B 175 -16.04 20.27 39.66
CA SER B 175 -17.27 20.98 39.30
C SER B 175 -16.96 22.46 39.08
N LYS B 176 -15.98 23.00 39.82
CA LYS B 176 -15.41 24.28 39.44
C LYS B 176 -14.40 24.13 38.31
N GLY B 177 -13.54 23.10 38.39
CA GLY B 177 -12.61 22.80 37.32
C GLY B 177 -13.27 22.45 36.00
N GLU B 178 -14.54 22.04 36.03
CA GLU B 178 -15.28 21.77 34.81
C GLU B 178 -15.38 23.00 33.91
N GLU B 179 -15.47 24.19 34.50
CA GLU B 179 -15.61 25.41 33.69
C GLU B 179 -14.46 25.58 32.72
N LEU B 180 -13.27 25.08 33.08
CA LEU B 180 -12.10 25.17 32.22
C LEU B 180 -12.24 24.36 30.92
N PHE B 181 -13.25 23.48 30.82
CA PHE B 181 -13.35 22.54 29.71
C PHE B 181 -14.52 22.82 28.79
N THR B 182 -15.14 24.01 28.90
CA THR B 182 -16.32 24.29 28.09
C THR B 182 -15.98 24.55 26.63
N GLY B 183 -14.74 24.89 26.31
CA GLY B 183 -14.36 25.12 24.93
C GLY B 183 -13.34 24.12 24.41
N VAL B 184 -12.67 24.48 23.33
CA VAL B 184 -11.59 23.66 22.78
C VAL B 184 -10.28 24.03 23.47
N VAL B 185 -9.68 23.06 24.15
CA VAL B 185 -8.49 23.27 24.96
C VAL B 185 -7.28 22.68 24.25
N PRO B 186 -6.22 23.44 24.02
CA PRO B 186 -4.99 22.83 23.47
C PRO B 186 -4.37 21.87 24.47
N ILE B 187 -3.69 20.85 23.95
CA ILE B 187 -3.09 19.78 24.76
C ILE B 187 -1.63 19.61 24.38
N LEU B 188 -0.76 19.53 25.37
CA LEU B 188 0.63 19.12 25.18
C LEU B 188 0.87 17.79 25.91
N VAL B 189 1.44 16.81 25.21
CA VAL B 189 1.79 15.52 25.80
C VAL B 189 3.30 15.31 25.64
N GLU B 190 3.99 14.99 26.74
CA GLU B 190 5.41 14.68 26.70
C GLU B 190 5.66 13.37 27.44
N LEU B 191 6.33 12.44 26.77
CA LEU B 191 6.65 11.14 27.34
C LEU B 191 8.14 10.87 27.20
N ASP B 192 8.75 10.43 28.28
CA ASP B 192 10.06 9.79 28.23
C ASP B 192 9.88 8.34 28.66
N GLY B 193 10.42 7.42 27.87
CA GLY B 193 10.23 6.02 28.13
C GLY B 193 11.53 5.24 28.04
N ASP B 194 11.54 4.12 28.77
CA ASP B 194 12.62 3.15 28.74
C ASP B 194 12.00 1.76 28.74
N VAL B 195 12.14 1.03 27.64
CA VAL B 195 11.64 -0.34 27.54
C VAL B 195 12.81 -1.28 27.26
N ASN B 196 13.11 -2.15 28.23
CA ASN B 196 14.25 -3.07 28.13
C ASN B 196 15.54 -2.31 27.78
N GLY B 197 15.73 -1.16 28.41
CA GLY B 197 16.88 -0.35 28.07
C GLY B 197 16.83 0.36 26.73
N HIS B 198 15.76 0.21 25.94
CA HIS B 198 15.58 1.06 24.76
C HIS B 198 14.93 2.37 25.20
N LYS B 199 15.65 3.47 25.08
CA LYS B 199 15.17 4.78 25.52
C LYS B 199 14.57 5.55 24.36
N PHE B 200 13.49 6.29 24.62
CA PHE B 200 12.81 7.07 23.60
C PHE B 200 11.98 8.16 24.25
N SER B 201 11.63 9.16 23.46
CA SER B 201 10.78 10.25 23.90
C SER B 201 9.69 10.48 22.87
N VAL B 202 8.53 10.90 23.35
CA VAL B 202 7.40 11.21 22.46
C VAL B 202 6.88 12.60 22.81
N ARG B 203 6.46 13.35 21.79
CA ARG B 203 5.81 14.64 21.99
C ARG B 203 4.56 14.67 21.12
N GLY B 204 3.45 15.11 21.70
CA GLY B 204 2.21 15.23 20.97
C GLY B 204 1.53 16.55 21.28
N GLU B 205 0.79 17.03 20.28
CA GLU B 205 0.00 18.23 20.48
C GLU B 205 -1.35 18.04 19.82
N GLY B 206 -2.35 18.71 20.37
CA GLY B 206 -3.68 18.66 19.80
C GLY B 206 -4.71 19.42 20.58
N GLU B 207 -5.95 18.92 20.51
CA GLU B 207 -7.13 19.64 20.99
C GLU B 207 -8.02 18.66 21.74
N GLY B 208 -8.60 19.15 22.83
CA GLY B 208 -9.56 18.38 23.60
C GLY B 208 -10.85 19.17 23.69
N ASP B 209 -11.96 18.50 23.45
CA ASP B 209 -13.28 19.12 23.41
C ASP B 209 -14.21 18.27 24.29
N ALA B 210 -14.18 18.53 25.59
CA ALA B 210 -14.86 17.67 26.56
C ALA B 210 -16.37 17.68 26.37
N THR B 211 -16.92 18.76 25.79
CA THR B 211 -18.35 18.84 25.51
C THR B 211 -18.80 17.73 24.57
N ASN B 212 -17.93 17.30 23.67
CA ASN B 212 -18.20 16.20 22.76
C ASN B 212 -17.32 14.98 23.03
N GLY B 213 -16.59 14.98 24.15
CA GLY B 213 -15.69 13.88 24.48
C GLY B 213 -14.63 13.60 23.44
N LYS B 214 -14.21 14.62 22.69
CA LYS B 214 -13.41 14.41 21.49
C LYS B 214 -11.96 14.83 21.74
N LEU B 215 -11.03 13.98 21.32
CA LEU B 215 -9.60 14.28 21.33
C LEU B 215 -9.07 14.15 19.91
N THR B 216 -8.23 15.11 19.51
CA THR B 216 -7.54 15.06 18.23
C THR B 216 -6.08 15.43 18.50
N LEU B 217 -5.17 14.48 18.32
CA LEU B 217 -3.76 14.69 18.65
C LEU B 217 -2.84 14.10 17.59
N LYS B 218 -1.66 14.69 17.47
CA LYS B 218 -0.59 14.10 16.68
C LYS B 218 0.65 13.93 17.56
N PHE B 219 1.22 12.73 17.57
CA PHE B 219 2.40 12.43 18.36
C PHE B 219 3.58 12.13 17.46
N ILE B 220 4.76 12.54 17.90
CA ILE B 220 6.01 12.33 17.19
C ILE B 220 6.99 11.61 18.12
N CYS B 221 7.70 10.61 17.58
CA CYS B 221 8.86 10.09 18.29
C CYS B 221 10.06 11.02 18.04
N THR B 222 10.44 11.79 19.06
CA THR B 222 11.48 12.81 18.91
C THR B 222 12.89 12.25 18.99
N THR B 223 13.06 10.96 19.28
CA THR B 223 14.38 10.37 19.39
C THR B 223 14.76 9.50 18.21
N GLY B 224 13.93 9.44 17.18
CA GLY B 224 14.16 8.52 16.10
C GLY B 224 12.92 7.68 15.88
N LYS B 225 13.07 6.38 15.76
CA LYS B 225 11.94 5.47 15.58
C LYS B 225 11.50 4.89 16.91
N LEU B 226 10.20 4.74 17.07
CA LEU B 226 9.64 4.20 18.29
C LEU B 226 10.04 2.74 18.45
N PRO B 227 10.61 2.33 19.58
CA PRO B 227 11.00 0.94 19.76
C PRO B 227 9.86 0.01 20.19
N VAL B 228 8.64 0.51 20.34
CA VAL B 228 7.46 -0.30 20.61
C VAL B 228 6.39 0.12 19.61
N PRO B 229 5.33 -0.68 19.45
CA PRO B 229 4.24 -0.26 18.55
C PRO B 229 3.46 0.91 19.14
N TRP B 230 3.20 1.90 18.28
CA TRP B 230 2.37 3.05 18.65
C TRP B 230 1.06 2.69 19.35
N PRO B 231 0.29 1.66 18.94
CA PRO B 231 -0.94 1.32 19.70
C PRO B 231 -0.72 1.02 21.18
N THR B 232 0.44 0.53 21.59
CA THR B 232 0.65 0.20 23.00
C THR B 232 0.83 1.44 23.87
N LEU B 233 1.02 2.61 23.25
CA LEU B 233 1.22 3.86 23.97
C LEU B 233 -0.04 4.70 24.07
N VAL B 234 -1.13 4.29 23.43
CA VAL B 234 -2.32 5.14 23.35
C VAL B 234 -2.86 5.46 24.73
N THR B 235 -3.04 4.44 25.59
CA THR B 235 -3.67 4.69 26.88
C THR B 235 -2.79 5.55 27.77
N THR B 236 -1.46 5.43 27.63
CA THR B 236 -0.54 6.29 28.38
C THR B 236 -0.56 7.72 27.86
N LEU B 237 -0.51 7.91 26.54
CA LEU B 237 -0.43 9.25 25.98
C LEU B 237 -1.75 10.02 26.15
N1 CRO B 238 -2.80 9.10 25.84
CA1 CRO B 238 -4.05 9.77 26.15
CB1 CRO B 238 -5.01 9.81 24.93
CG1 CRO B 238 -4.52 10.81 23.90
OG1 CRO B 238 -5.08 8.55 24.35
C1 CRO B 238 -4.75 8.97 27.22
N2 CRO B 238 -5.67 7.94 26.99
N3 CRO B 238 -4.52 9.20 28.64
C2 CRO B 238 -5.37 8.25 29.33
O2 CRO B 238 -5.50 8.09 30.51
CA2 CRO B 238 -6.09 7.43 28.25
CA3 CRO B 238 -3.61 10.19 29.21
C3 CRO B 238 -4.41 11.28 29.85
O3 CRO B 238 -3.94 11.77 30.92
CB2 CRO B 238 -6.97 6.44 28.56
CG2 CRO B 238 -7.53 5.42 27.56
CD1 CRO B 238 -7.37 5.55 26.19
CD2 CRO B 238 -8.23 4.34 28.09
CE1 CRO B 238 -7.92 4.59 25.33
CE2 CRO B 238 -8.78 3.37 27.24
CZ CRO B 238 -8.62 3.51 25.88
OH CRO B 238 -9.20 2.49 25.02
N VAL B 239 -5.50 11.64 29.02
CA VAL B 239 -6.07 12.92 29.44
C VAL B 239 -7.59 12.77 29.59
N GLN B 240 -7.98 11.89 30.52
CA GLN B 240 -9.37 11.54 30.71
C GLN B 240 -10.20 12.69 31.25
N CYS B 241 -9.58 13.84 31.56
CA CYS B 241 -10.40 15.00 31.86
C CYS B 241 -11.17 15.49 30.65
N PHE B 242 -10.89 14.97 29.44
CA PHE B 242 -11.70 15.37 28.30
C PHE B 242 -12.85 14.42 28.02
N ALA B 243 -13.10 13.46 28.92
CA ALA B 243 -14.30 12.66 28.78
C ALA B 243 -15.53 13.56 28.76
N ARG B 244 -16.57 13.14 28.05
CA ARG B 244 -17.87 13.79 28.14
C ARG B 244 -18.67 13.09 29.23
N TYR B 245 -18.89 13.78 30.35
CA TYR B 245 -19.78 13.25 31.37
C TYR B 245 -21.19 13.74 31.08
N PRO B 246 -22.17 12.84 30.88
CA PRO B 246 -23.57 13.27 30.76
C PRO B 246 -24.02 14.13 31.93
N ASP B 247 -25.11 14.88 31.74
CA ASP B 247 -25.57 15.83 32.75
C ASP B 247 -25.84 15.17 34.09
N HIS B 248 -26.39 13.95 34.08
CA HIS B 248 -26.71 13.28 35.33
C HIS B 248 -25.51 12.63 35.99
N MET B 249 -24.29 12.78 35.44
CA MET B 249 -23.08 12.18 35.99
C MET B 249 -21.98 13.20 36.24
N LYS B 250 -22.29 14.49 36.09
CA LYS B 250 -21.31 15.53 36.36
C LYS B 250 -20.78 15.44 37.78
N GLN B 251 -21.55 14.85 38.69
CA GLN B 251 -21.07 14.65 40.06
C GLN B 251 -19.92 13.65 40.13
N HIS B 252 -19.77 12.78 39.13
CA HIS B 252 -18.80 11.69 39.23
C HIS B 252 -17.51 11.92 38.42
N ASP B 253 -17.22 13.18 38.05
CA ASP B 253 -16.07 13.51 37.20
C ASP B 253 -14.92 13.97 38.09
N PHE B 254 -14.13 13.01 38.59
CA PHE B 254 -12.96 13.38 39.38
C PHE B 254 -11.96 14.19 38.56
N PHE B 255 -11.81 13.86 37.27
CA PHE B 255 -10.69 14.42 36.50
C PHE B 255 -10.79 15.93 36.42
N LYS B 256 -11.94 16.45 36.00
CA LYS B 256 -12.10 17.89 35.90
C LYS B 256 -12.06 18.55 37.27
N SER B 257 -12.53 17.85 38.31
CA SER B 257 -12.62 18.46 39.64
C SER B 257 -11.25 18.79 40.20
N ALA B 258 -10.22 18.03 39.83
CA ALA B 258 -8.86 18.23 40.30
C ALA B 258 -8.15 19.36 39.57
N MET B 259 -8.77 19.92 38.59
CA MET B 259 -8.18 20.98 37.80
C MET B 259 -8.48 22.34 38.42
N PRO B 260 -7.59 23.34 38.23
CA PRO B 260 -6.42 23.31 37.35
C PRO B 260 -5.14 22.73 37.95
N GLU B 261 -5.12 22.52 39.27
CA GLU B 261 -3.91 21.99 39.90
C GLU B 261 -3.55 20.61 39.36
N GLY B 262 -4.55 19.83 38.96
CA GLY B 262 -4.31 18.59 38.24
C GLY B 262 -4.20 17.37 39.14
N TYR B 263 -3.70 16.28 38.56
CA TYR B 263 -3.61 15.02 39.30
C TYR B 263 -2.43 14.19 38.81
N ILE B 264 -2.04 13.25 39.64
CA ILE B 264 -1.01 12.26 39.32
C ILE B 264 -1.73 10.98 38.91
N GLN B 265 -1.37 10.43 37.75
CA GLN B 265 -1.98 9.21 37.23
C GLN B 265 -0.89 8.17 37.06
N GLU B 266 -1.04 7.03 37.73
CA GLU B 266 -0.07 5.95 37.70
C GLU B 266 -0.75 4.70 37.16
N ARG B 267 0.02 3.91 36.42
CA ARG B 267 -0.51 2.67 35.85
C ARG B 267 0.54 1.59 35.89
N THR B 268 0.05 0.36 36.08
CA THR B 268 0.76 -0.85 35.70
C THR B 268 0.00 -1.49 34.54
N ILE B 269 0.71 -1.78 33.46
CA ILE B 269 0.10 -2.32 32.25
C ILE B 269 0.78 -3.64 31.94
N VAL B 270 0.06 -4.74 32.13
CA VAL B 270 0.59 -6.08 31.97
C VAL B 270 0.21 -6.60 30.60
N PHE B 271 1.21 -6.85 29.76
CA PHE B 271 0.98 -7.50 28.47
C PHE B 271 1.04 -9.00 28.72
N LYS B 272 -0.09 -9.68 28.53
CA LYS B 272 -0.16 -11.11 28.78
C LYS B 272 0.97 -11.82 28.05
N ASP B 273 1.70 -12.68 28.78
CA ASP B 273 2.81 -13.45 28.24
C ASP B 273 3.95 -12.56 27.73
N ASP B 274 4.10 -11.36 28.27
CA ASP B 274 5.18 -10.47 27.85
C ASP B 274 5.48 -9.51 28.99
N GLY B 275 6.10 -8.37 28.66
CA GLY B 275 6.55 -7.42 29.65
C GLY B 275 5.45 -6.57 30.27
N THR B 276 5.89 -5.63 31.13
CA THR B 276 4.99 -4.72 31.83
C THR B 276 5.47 -3.29 31.68
N TYR B 277 4.54 -2.38 31.38
CA TYR B 277 4.81 -0.94 31.46
C TYR B 277 4.40 -0.43 32.83
N LYS B 278 5.22 0.43 33.41
CA LYS B 278 4.82 1.19 34.59
C LYS B 278 4.97 2.66 34.24
N THR B 279 3.96 3.45 34.56
CA THR B 279 3.89 4.84 34.11
C THR B 279 3.48 5.74 35.25
N ARG B 280 4.08 6.91 35.30
CA ARG B 280 3.68 7.97 36.21
C ARG B 280 3.51 9.23 35.39
N ALA B 281 2.38 9.90 35.57
CA ALA B 281 2.08 11.07 34.75
C ALA B 281 1.52 12.18 35.61
N GLU B 282 1.85 13.40 35.24
CA GLU B 282 1.33 14.60 35.87
C GLU B 282 0.44 15.29 34.83
N VAL B 283 -0.84 15.40 35.13
CA VAL B 283 -1.81 16.02 34.24
C VAL B 283 -2.34 17.28 34.91
N LYS B 284 -2.08 18.44 34.31
CA LYS B 284 -2.42 19.71 34.93
C LYS B 284 -2.44 20.82 33.87
N PHE B 285 -3.08 21.94 34.21
CA PHE B 285 -3.03 23.11 33.34
C PHE B 285 -1.72 23.87 33.52
N GLU B 286 -1.15 24.32 32.41
CA GLU B 286 -0.09 25.32 32.39
C GLU B 286 -0.61 26.44 31.50
N GLY B 287 -1.07 27.52 32.13
CA GLY B 287 -1.79 28.53 31.40
C GLY B 287 -3.05 27.96 30.81
N ASP B 288 -3.26 28.25 29.53
CA ASP B 288 -4.45 27.81 28.80
C ASP B 288 -4.34 26.37 28.29
N THR B 289 -3.26 25.65 28.61
CA THR B 289 -2.90 24.40 27.95
C THR B 289 -2.91 23.25 28.96
N LEU B 290 -3.68 22.20 28.64
CA LEU B 290 -3.68 20.97 29.43
C LEU B 290 -2.44 20.16 29.07
N VAL B 291 -1.60 19.91 30.06
CA VAL B 291 -0.30 19.25 29.87
C VAL B 291 -0.32 17.86 30.51
N ASN B 292 0.24 16.89 29.81
CA ASN B 292 0.37 15.52 30.31
C ASN B 292 1.83 15.12 30.15
N ARG B 293 2.56 15.05 31.26
CA ARG B 293 3.98 14.68 31.27
C ARG B 293 4.12 13.30 31.90
N ILE B 294 4.71 12.36 31.14
CA ILE B 294 4.74 10.95 31.52
C ILE B 294 6.18 10.44 31.58
N GLU B 295 6.44 9.62 32.60
CA GLU B 295 7.60 8.74 32.65
C GLU B 295 7.10 7.32 32.48
N LEU B 296 7.73 6.55 31.59
CA LEU B 296 7.34 5.16 31.38
C LEU B 296 8.57 4.26 31.48
N LYS B 297 8.45 3.16 32.23
CA LYS B 297 9.49 2.14 32.29
C LYS B 297 8.88 0.78 31.93
N GLY B 298 9.42 0.14 30.91
CA GLY B 298 9.00 -1.20 30.50
C GLY B 298 10.09 -2.22 30.79
N ILE B 299 9.68 -3.36 31.37
CA ILE B 299 10.61 -4.41 31.77
C ILE B 299 10.09 -5.78 31.34
N ASP B 300 11.02 -6.74 31.28
CA ASP B 300 10.70 -8.15 31.07
C ASP B 300 10.04 -8.43 29.72
N PHE B 301 10.36 -7.63 28.70
CA PHE B 301 9.73 -7.80 27.40
C PHE B 301 10.51 -8.80 26.55
N LYS B 302 9.80 -9.59 25.77
CA LYS B 302 10.43 -10.58 24.90
C LYS B 302 10.94 -9.89 23.66
N GLU B 303 12.26 -9.95 23.43
CA GLU B 303 12.86 -9.20 22.34
C GLU B 303 12.27 -9.56 20.98
N ASP B 304 11.64 -10.75 20.85
CA ASP B 304 10.88 -11.07 19.65
C ASP B 304 9.42 -11.37 19.97
N GLY B 305 8.90 -10.87 21.09
CA GLY B 305 7.49 -10.91 21.37
C GLY B 305 6.71 -9.95 20.47
N ASN B 306 5.44 -9.74 20.83
CA ASN B 306 4.57 -8.91 19.99
C ASN B 306 4.93 -7.43 20.07
N ILE B 307 5.54 -7.00 21.17
CA ILE B 307 5.82 -5.59 21.41
C ILE B 307 7.17 -5.23 20.80
N LEU B 308 8.27 -5.77 21.35
CA LEU B 308 9.58 -5.48 20.77
C LEU B 308 9.74 -6.08 19.37
N GLY B 309 8.92 -7.08 19.02
CA GLY B 309 8.93 -7.59 17.67
C GLY B 309 8.11 -6.82 16.67
N HIS B 310 7.37 -5.79 17.11
CA HIS B 310 6.54 -4.98 16.23
C HIS B 310 5.61 -5.87 15.40
N LYS B 311 4.83 -6.69 16.10
CA LYS B 311 3.90 -7.60 15.47
C LYS B 311 2.44 -7.19 15.70
N LEU B 312 2.22 -5.97 16.18
CA LEU B 312 0.87 -5.48 16.44
C LEU B 312 0.40 -4.64 15.25
N GLU B 313 -0.87 -4.82 14.87
CA GLU B 313 -1.43 -4.02 13.79
C GLU B 313 -1.49 -2.56 14.20
N TYR B 314 -1.21 -1.67 13.24
CA TYR B 314 -1.36 -0.24 13.50
C TYR B 314 -2.83 0.17 13.38
N ASN B 315 -3.42 0.00 12.18
CA ASN B 315 -4.80 0.42 11.97
C ASN B 315 -5.50 -0.40 10.89
N ARG B 316 -5.03 -1.63 10.65
CA ARG B 316 -5.51 -2.40 9.51
C ARG B 316 -7.03 -2.54 9.51
N VAL B 317 -7.63 -2.75 10.69
CA VAL B 317 -9.07 -2.98 10.76
C VAL B 317 -9.86 -1.75 10.33
N ASN B 318 -9.25 -0.56 10.32
CA ASN B 318 -9.96 0.69 10.03
C ASN B 318 -8.95 1.74 9.55
N PRO B 319 -8.42 1.60 8.32
CA PRO B 319 -7.20 2.33 7.97
C PRO B 319 -7.42 3.64 7.23
N VAL B 320 -8.65 3.94 6.83
CA VAL B 320 -8.89 5.09 5.96
C VAL B 320 -10.16 5.83 6.37
N GLU B 321 -10.18 7.12 6.09
CA GLU B 321 -11.43 7.84 6.05
C GLU B 321 -12.31 7.32 4.90
N LEU B 322 -13.62 7.49 5.04
CA LEU B 322 -14.59 7.11 4.02
C LEU B 322 -14.95 8.35 3.22
N GLY B 323 -14.53 8.38 1.95
CA GLY B 323 -14.78 9.51 1.09
C GLY B 323 -15.97 9.32 0.17
N PRO B 324 -16.08 10.18 -0.86
CA PRO B 324 -17.28 10.20 -1.71
C PRO B 324 -17.54 8.85 -2.38
N GLY B 325 -18.79 8.42 -2.34
CA GLY B 325 -19.17 7.12 -2.82
C GLY B 325 -19.17 6.01 -1.77
N ALA B 326 -18.47 6.22 -0.65
CA ALA B 326 -18.52 5.27 0.44
C ALA B 326 -19.88 5.31 1.13
N PHE B 327 -20.12 4.34 2.01
CA PHE B 327 -21.35 4.30 2.78
C PHE B 327 -21.03 3.78 4.18
N PHE B 328 -21.87 4.14 5.14
CA PHE B 328 -21.70 3.69 6.49
C PHE B 328 -23.05 3.70 7.16
N GLY B 329 -23.15 3.01 8.30
CA GLY B 329 -24.41 2.85 9.00
C GLY B 329 -25.22 1.66 8.52
N GLU B 330 -24.66 0.87 7.59
CA GLU B 330 -25.35 -0.30 7.08
C GLU B 330 -25.39 -1.43 8.10
N MET B 331 -24.44 -1.44 9.04
CA MET B 331 -24.34 -2.56 9.97
C MET B 331 -25.55 -2.62 10.89
N ALA B 332 -25.98 -1.48 11.44
CA ALA B 332 -27.17 -1.52 12.28
C ALA B 332 -28.40 -1.99 11.49
N LEU B 333 -28.49 -1.62 10.20
CA LEU B 333 -29.67 -2.02 9.44
C LEU B 333 -29.64 -3.51 9.12
N ILE B 334 -28.46 -4.08 8.90
CA ILE B 334 -28.36 -5.51 8.61
C ILE B 334 -28.59 -6.33 9.88
N SER B 335 -27.96 -5.93 10.98
CA SER B 335 -27.95 -6.71 12.20
C SER B 335 -29.15 -6.45 13.11
N GLY B 336 -29.68 -5.23 13.13
CA GLY B 336 -30.62 -4.85 14.17
C GLY B 336 -29.97 -4.42 15.47
N GLU B 337 -28.66 -4.59 15.59
CA GLU B 337 -27.91 -4.17 16.77
C GLU B 337 -27.72 -2.65 16.75
N PRO B 338 -27.38 -2.07 17.90
CA PRO B 338 -27.04 -0.64 17.90
C PRO B 338 -25.82 -0.36 17.03
N ARG B 339 -25.57 0.93 16.77
CA ARG B 339 -24.34 1.31 16.08
C ARG B 339 -23.13 0.73 16.81
N VAL B 340 -22.23 0.10 16.05
CA VAL B 340 -21.04 -0.50 16.64
C VAL B 340 -19.84 0.44 16.65
N ALA B 341 -19.97 1.64 16.11
CA ALA B 341 -18.84 2.56 16.07
C ALA B 341 -19.36 3.97 16.01
N THR B 342 -18.46 4.92 16.22
CA THR B 342 -18.80 6.33 16.10
C THR B 342 -18.27 6.84 14.77
N VAL B 343 -19.11 7.54 14.02
CA VAL B 343 -18.71 8.12 12.74
C VAL B 343 -18.82 9.63 12.85
N SER B 344 -17.79 10.34 12.42
CA SER B 344 -17.82 11.79 12.45
C SER B 344 -17.29 12.37 11.14
N ALA B 345 -17.70 13.59 10.86
CA ALA B 345 -17.21 14.26 9.66
C ALA B 345 -15.77 14.68 9.87
N ALA B 346 -14.87 14.24 8.97
CA ALA B 346 -13.50 14.71 9.04
C ALA B 346 -13.36 16.06 8.35
N THR B 347 -13.99 16.23 7.21
CA THR B 347 -14.15 17.52 6.57
C THR B 347 -15.61 17.91 6.66
N THR B 348 -15.97 19.05 6.08
CA THR B 348 -17.36 19.25 5.72
C THR B 348 -17.82 18.07 4.87
N VAL B 349 -19.04 17.62 5.13
CA VAL B 349 -19.49 16.40 4.49
C VAL B 349 -20.89 16.65 3.95
N SER B 350 -21.13 16.16 2.74
CA SER B 350 -22.46 16.11 2.15
C SER B 350 -22.87 14.65 2.13
N LEU B 351 -23.99 14.32 2.79
CA LEU B 351 -24.52 12.97 2.92
C LEU B 351 -25.87 12.83 2.23
N LEU B 352 -26.18 11.60 1.83
CA LEU B 352 -27.53 11.17 1.47
C LEU B 352 -27.90 10.00 2.38
N SER B 353 -28.99 10.13 3.11
CA SER B 353 -29.36 9.07 4.04
C SER B 353 -30.56 8.30 3.52
N LEU B 354 -30.58 7.01 3.81
CA LEU B 354 -31.63 6.10 3.37
C LEU B 354 -32.23 5.45 4.61
N HIS B 355 -33.54 5.61 4.80
CA HIS B 355 -34.19 5.03 5.97
C HIS B 355 -34.22 3.51 5.90
N SER B 356 -34.30 2.88 7.09
CA SER B 356 -34.28 1.43 7.24
C SER B 356 -35.27 0.71 6.32
N ALA B 357 -36.52 1.16 6.29
CA ALA B 357 -37.53 0.47 5.47
C ALA B 357 -37.14 0.46 3.99
N ASP B 358 -36.59 1.56 3.50
CA ASP B 358 -36.21 1.60 2.10
C ASP B 358 -34.92 0.84 1.83
N PHE B 359 -34.13 0.57 2.86
CA PHE B 359 -32.93 -0.25 2.72
C PHE B 359 -33.29 -1.67 2.35
N GLN B 360 -34.27 -2.25 3.06
CA GLN B 360 -34.72 -3.59 2.70
C GLN B 360 -35.28 -3.62 1.30
N MET B 361 -36.07 -2.60 0.93
CA MET B 361 -36.57 -2.49 -0.44
C MET B 361 -35.44 -2.34 -1.44
N LEU B 362 -34.44 -1.50 -1.14
CA LEU B 362 -33.27 -1.39 -2.01
C LEU B 362 -32.60 -2.75 -2.20
N CYS B 363 -32.33 -3.47 -1.10
CA CYS B 363 -31.62 -4.74 -1.18
C CYS B 363 -32.39 -5.76 -2.02
N SER B 364 -33.71 -5.86 -1.83
CA SER B 364 -34.52 -6.78 -2.63
C SER B 364 -34.46 -6.43 -4.11
N SER B 365 -34.56 -5.14 -4.43
CA SER B 365 -34.44 -4.70 -5.82
C SER B 365 -33.12 -5.14 -6.44
N SER B 366 -32.00 -4.92 -5.76
CA SER B 366 -30.69 -5.22 -6.33
C SER B 366 -29.94 -6.20 -5.44
N PRO B 367 -29.96 -7.48 -5.77
CA PRO B 367 -29.18 -8.45 -4.98
C PRO B 367 -27.69 -8.21 -5.05
N GLU B 368 -27.21 -7.57 -6.12
CA GLU B 368 -25.80 -7.22 -6.21
C GLU B 368 -25.41 -6.15 -5.19
N ILE B 369 -26.19 -5.07 -5.11
CA ILE B 369 -25.98 -4.06 -4.06
C ILE B 369 -26.17 -4.68 -2.68
N ALA B 370 -27.20 -5.52 -2.53
CA ALA B 370 -27.40 -6.24 -1.29
C ALA B 370 -26.16 -7.01 -0.86
N GLU B 371 -25.47 -7.65 -1.82
CA GLU B 371 -24.28 -8.42 -1.49
C GLU B 371 -23.11 -7.51 -1.11
N ILE B 372 -22.97 -6.38 -1.78
CA ILE B 372 -21.95 -5.42 -1.40
C ILE B 372 -22.12 -5.00 0.06
N PHE B 373 -23.37 -4.68 0.45
CA PHE B 373 -23.63 -4.34 1.85
C PHE B 373 -23.33 -5.52 2.77
N ARG B 374 -23.78 -6.72 2.38
CA ARG B 374 -23.56 -7.90 3.21
C ARG B 374 -22.08 -8.16 3.39
N LYS B 375 -21.32 -8.14 2.28
CA LYS B 375 -19.88 -8.42 2.36
C LYS B 375 -19.15 -7.32 3.10
N THR B 376 -19.53 -6.06 2.87
CA THR B 376 -18.86 -4.95 3.55
C THR B 376 -19.09 -5.00 5.06
N ALA B 377 -20.33 -5.25 5.49
CA ALA B 377 -20.59 -5.32 6.93
C ALA B 377 -19.79 -6.42 7.61
N LEU B 378 -19.63 -7.57 6.95
CA LEU B 378 -18.89 -8.67 7.58
C LEU B 378 -17.40 -8.38 7.63
N GLU B 379 -16.82 -7.81 6.57
CA GLU B 379 -15.47 -7.29 6.66
C GLU B 379 -15.32 -6.37 7.86
N ARG B 380 -16.23 -5.40 8.02
CA ARG B 380 -16.10 -4.42 9.09
C ARG B 380 -16.34 -5.01 10.48
N ARG B 381 -17.05 -6.13 10.58
CA ARG B 381 -17.28 -6.77 11.88
C ARG B 381 -16.00 -7.38 12.42
P CMP C . 1.11 -13.24 -26.88
O1P CMP C . 1.46 -14.17 -25.76
O2P CMP C . -0.33 -13.10 -27.31
O5' CMP C . 1.58 -11.80 -26.34
C5' CMP C . 2.96 -11.46 -26.29
C4' CMP C . 3.59 -11.85 -27.59
O4' CMP C . 5.02 -11.73 -27.60
C3' CMP C . 3.40 -13.29 -27.96
O3' CMP C . 2.04 -13.60 -28.15
C2' CMP C . 4.35 -13.42 -29.15
O2' CMP C . 3.82 -12.78 -30.30
C1' CMP C . 5.53 -12.56 -28.63
N9 CMP C . 6.62 -13.38 -28.09
C8 CMP C . 6.58 -14.10 -26.96
N7 CMP C . 7.75 -14.73 -26.76
C5 CMP C . 8.56 -14.42 -27.78
C6 CMP C . 9.96 -14.73 -28.16
N6 CMP C . 10.75 -15.55 -27.41
N1 CMP C . 10.42 -14.17 -29.31
C2 CMP C . 9.65 -13.35 -30.07
N3 CMP C . 8.39 -13.01 -29.77
C4 CMP C . 7.81 -13.52 -28.67
P CMP D . -23.29 1.00 12.19
O1P CMP D . -22.90 -0.03 13.22
O2P CMP D . -24.76 1.19 11.86
O5' CMP D . -22.75 2.42 12.71
C5' CMP D . -21.36 2.77 12.63
C4' CMP D . -20.87 2.37 11.28
O4' CMP D . -19.43 2.49 11.12
C3' CMP D . -21.10 0.92 10.95
O3' CMP D . -22.48 0.64 10.83
C2' CMP D . -20.26 0.77 9.69
O2' CMP D . -20.89 1.42 8.61
C1' CMP D . -19.02 1.61 10.08
N9 CMP D . -17.90 0.78 10.58
C8 CMP D . -17.86 0.06 11.71
N7 CMP D . -16.65 -0.56 11.86
C5 CMP D . -15.90 -0.19 10.79
C6 CMP D . -14.52 -0.47 10.30
N6 CMP D . -13.66 -1.27 10.99
N1 CMP D . -14.14 0.12 9.15
C2 CMP D . -14.96 0.92 8.45
N3 CMP D . -16.22 1.21 8.83
C4 CMP D . -16.73 0.69 9.96
#